data_2HLG
#
_entry.id   2HLG
#
_entity_poly.entity_id   1
_entity_poly.type   'polypeptide(L)'
_entity_poly.pdbx_seq_one_letter_code
;LCNEPCSSNSDCIGITLCQFCKEKTDQYGLTYRTCNLLP
;
_entity_poly.pdbx_strand_id   A
#
# COMPACT_ATOMS: atom_id res chain seq x y z
N LEU A 1 -0.47 -2.61 -10.26
CA LEU A 1 0.72 -1.73 -10.40
C LEU A 1 1.03 -1.12 -9.03
N CYS A 2 1.01 0.20 -8.87
CA CYS A 2 1.34 0.92 -7.65
C CYS A 2 0.28 0.71 -6.57
N ASN A 3 -1.01 0.90 -6.91
CA ASN A 3 -2.16 0.62 -6.07
C ASN A 3 -2.37 -0.90 -5.94
N GLU A 4 -1.79 -1.54 -4.92
CA GLU A 4 -1.90 -2.98 -4.61
C GLU A 4 -1.75 -3.26 -3.09
N PRO A 5 -2.05 -4.50 -2.60
CA PRO A 5 -1.94 -4.84 -1.17
C PRO A 5 -0.49 -5.12 -0.70
N CYS A 6 -0.23 -4.99 0.61
CA CYS A 6 1.09 -5.21 1.25
C CYS A 6 1.02 -5.59 2.74
N SER A 7 2.17 -5.83 3.38
CA SER A 7 2.37 -6.09 4.82
C SER A 7 3.54 -5.29 5.44
N SER A 8 4.45 -4.76 4.62
CA SER A 8 5.58 -3.86 4.96
C SER A 8 6.04 -3.06 3.73
N ASN A 9 7.02 -2.17 3.87
CA ASN A 9 7.54 -1.30 2.79
C ASN A 9 8.13 -2.07 1.59
N SER A 10 8.92 -3.10 1.88
CA SER A 10 9.69 -3.90 0.93
C SER A 10 8.87 -4.65 -0.11
N ASP A 11 7.64 -4.92 0.26
CA ASP A 11 6.54 -5.53 -0.47
C ASP A 11 6.07 -4.68 -1.67
N CYS A 12 6.49 -3.40 -1.72
CA CYS A 12 6.05 -2.41 -2.71
C CYS A 12 7.24 -1.76 -3.43
N ILE A 13 8.46 -2.18 -3.08
CA ILE A 13 9.73 -1.75 -3.59
C ILE A 13 10.07 -2.64 -4.80
N GLY A 14 10.63 -2.05 -5.85
CA GLY A 14 11.10 -2.75 -7.05
C GLY A 14 9.98 -3.26 -7.98
N ILE A 15 8.89 -3.80 -7.43
CA ILE A 15 7.69 -4.24 -8.16
C ILE A 15 7.06 -3.08 -8.94
N THR A 16 7.24 -1.88 -8.40
CA THR A 16 6.93 -0.55 -8.87
C THR A 16 7.71 0.40 -7.93
N LEU A 17 7.87 1.67 -8.29
CA LEU A 17 8.53 2.71 -7.49
C LEU A 17 7.61 3.28 -6.39
N CYS A 18 6.91 2.44 -5.63
CA CYS A 18 5.90 2.85 -4.63
C CYS A 18 6.16 2.26 -3.23
N GLN A 19 7.31 2.56 -2.64
CA GLN A 19 7.80 1.99 -1.35
C GLN A 19 6.90 2.20 -0.10
N PHE A 20 5.90 3.06 -0.18
CA PHE A 20 5.09 3.46 0.95
C PHE A 20 3.84 2.60 1.21
N CYS A 21 4.04 1.44 1.83
CA CYS A 21 2.96 0.56 2.28
C CYS A 21 2.16 1.26 3.40
N LYS A 22 1.01 1.85 3.06
CA LYS A 22 0.14 2.65 3.93
C LYS A 22 -0.99 1.80 4.51
N GLU A 23 -1.65 2.34 5.54
CA GLU A 23 -2.83 1.78 6.15
C GLU A 23 -4.01 2.75 6.04
N LYS A 24 -5.00 2.39 5.22
CA LYS A 24 -6.27 3.11 5.00
C LYS A 24 -7.42 2.12 4.92
N THR A 25 -8.62 2.65 4.73
CA THR A 25 -9.83 1.86 4.51
C THR A 25 -10.64 2.40 3.35
N ASP A 26 -11.57 1.55 2.95
CA ASP A 26 -12.61 1.72 1.98
C ASP A 26 -13.75 2.57 2.61
N GLN A 27 -14.97 2.45 2.10
CA GLN A 27 -16.16 3.09 2.68
C GLN A 27 -16.83 2.26 3.81
N TYR A 28 -16.48 0.98 3.93
CA TYR A 28 -17.07 0.01 4.85
C TYR A 28 -16.43 0.14 6.24
N GLY A 29 -15.16 0.52 6.28
CA GLY A 29 -14.34 0.58 7.51
C GLY A 29 -13.35 -0.59 7.65
N LEU A 30 -13.11 -1.33 6.56
CA LEU A 30 -12.12 -2.38 6.52
C LEU A 30 -10.76 -1.76 6.33
N THR A 31 -10.01 -1.67 7.39
CA THR A 31 -8.66 -1.18 7.29
C THR A 31 -7.83 -2.29 6.68
N TYR A 32 -7.14 -1.93 5.60
CA TYR A 32 -6.24 -2.77 4.87
C TYR A 32 -4.89 -2.04 4.68
N ARG A 33 -3.85 -2.81 4.37
CA ARG A 33 -2.49 -2.32 4.11
C ARG A 33 -2.23 -2.37 2.62
N THR A 34 -2.02 -1.20 2.03
CA THR A 34 -1.87 -0.99 0.58
C THR A 34 -0.71 -0.08 0.21
N CYS A 35 -0.02 -0.45 -0.85
CA CYS A 35 1.07 0.31 -1.46
C CYS A 35 0.55 1.68 -1.96
N ASN A 36 1.12 2.77 -1.45
CA ASN A 36 0.84 4.15 -1.88
C ASN A 36 2.08 4.78 -2.51
N LEU A 37 1.87 5.86 -3.27
CA LEU A 37 2.92 6.69 -3.84
C LEU A 37 3.82 7.37 -2.79
N LEU A 38 3.27 7.61 -1.58
CA LEU A 38 3.88 8.35 -0.46
C LEU A 38 3.48 7.86 0.93
N PRO A 39 4.20 8.27 2.01
CA PRO A 39 3.84 7.94 3.38
C PRO A 39 2.67 8.80 3.90
N LEU A 1 -2.00 0.12 -11.96
CA LEU A 1 -0.65 -0.25 -11.45
C LEU A 1 -0.74 -0.54 -9.94
N CYS A 2 -0.20 0.28 -9.03
CA CYS A 2 -0.23 0.06 -7.58
C CYS A 2 -1.63 0.17 -6.97
N ASN A 3 -2.41 -0.92 -7.02
CA ASN A 3 -3.78 -1.04 -6.45
C ASN A 3 -3.97 -2.27 -5.54
N GLU A 4 -2.93 -3.05 -5.25
CA GLU A 4 -2.98 -4.31 -4.48
C GLU A 4 -2.42 -4.21 -3.04
N PRO A 5 -2.68 -5.23 -2.19
CA PRO A 5 -2.30 -5.21 -0.77
C PRO A 5 -0.84 -5.63 -0.49
N CYS A 6 -0.38 -5.26 0.71
CA CYS A 6 0.97 -5.51 1.26
C CYS A 6 0.97 -5.84 2.77
N SER A 7 2.15 -6.13 3.32
CA SER A 7 2.39 -6.37 4.75
C SER A 7 3.30 -5.29 5.35
N SER A 8 4.41 -5.00 4.65
CA SER A 8 5.40 -3.96 4.95
C SER A 8 5.76 -3.18 3.67
N ASN A 9 6.69 -2.22 3.77
CA ASN A 9 7.12 -1.35 2.68
C ASN A 9 7.87 -2.10 1.57
N SER A 10 8.77 -2.99 1.96
CA SER A 10 9.67 -3.70 1.05
C SER A 10 8.96 -4.66 0.10
N ASP A 11 7.72 -5.02 0.41
CA ASP A 11 6.79 -5.82 -0.38
C ASP A 11 6.53 -5.26 -1.79
N CYS A 12 6.84 -3.99 -2.06
CA CYS A 12 6.55 -3.27 -3.31
C CYS A 12 7.71 -2.37 -3.78
N ILE A 13 8.83 -2.38 -3.06
CA ILE A 13 10.02 -1.64 -3.36
C ILE A 13 10.67 -2.19 -4.64
N GLY A 14 11.34 -1.33 -5.40
CA GLY A 14 12.11 -1.67 -6.60
C GLY A 14 11.27 -2.00 -7.83
N ILE A 15 10.25 -2.86 -7.68
CA ILE A 15 9.34 -3.29 -8.77
C ILE A 15 8.59 -2.11 -9.37
N THR A 16 8.26 -1.13 -8.54
CA THR A 16 7.65 0.15 -8.83
C THR A 16 8.04 1.13 -7.69
N LEU A 17 7.91 2.44 -7.92
CA LEU A 17 8.09 3.53 -6.98
C LEU A 17 6.94 3.62 -5.93
N CYS A 18 6.58 2.53 -5.25
CA CYS A 18 5.43 2.45 -4.32
C CYS A 18 5.88 1.86 -2.99
N GLN A 19 6.94 2.44 -2.42
CA GLN A 19 7.58 1.93 -1.20
C GLN A 19 6.69 2.04 0.06
N PHE A 20 5.71 2.95 0.08
CA PHE A 20 4.91 3.23 1.26
C PHE A 20 3.66 2.35 1.40
N CYS A 21 3.81 1.21 2.10
CA CYS A 21 2.72 0.30 2.43
C CYS A 21 1.80 0.96 3.49
N LYS A 22 0.84 1.74 3.01
CA LYS A 22 -0.09 2.57 3.76
C LYS A 22 -1.32 1.85 4.21
N GLU A 23 -1.76 2.14 5.44
CA GLU A 23 -3.01 1.63 5.98
C GLU A 23 -4.11 2.69 5.86
N LYS A 24 -5.02 2.43 4.92
CA LYS A 24 -6.22 3.21 4.63
C LYS A 24 -7.43 2.29 4.68
N THR A 25 -8.62 2.83 4.46
CA THR A 25 -9.83 2.03 4.64
C THR A 25 -10.90 2.31 3.61
N ASP A 26 -11.83 1.37 3.50
CA ASP A 26 -12.86 1.40 2.50
C ASP A 26 -13.96 2.38 2.92
N GLN A 27 -14.93 2.60 2.04
CA GLN A 27 -16.12 3.42 2.31
C GLN A 27 -17.05 2.80 3.37
N TYR A 28 -16.68 1.62 3.86
CA TYR A 28 -17.33 0.78 4.85
C TYR A 28 -16.62 0.87 6.22
N GLY A 29 -15.38 1.35 6.23
CA GLY A 29 -14.48 1.42 7.40
C GLY A 29 -13.60 0.18 7.59
N LEU A 30 -13.48 -0.65 6.56
CA LEU A 30 -12.59 -1.83 6.53
C LEU A 30 -11.20 -1.38 6.15
N THR A 31 -10.31 -1.44 7.11
CA THR A 31 -8.94 -0.99 6.98
C THR A 31 -8.08 -2.07 6.36
N TYR A 32 -7.14 -1.68 5.49
CA TYR A 32 -6.22 -2.54 4.78
C TYR A 32 -4.89 -1.83 4.44
N ARG A 33 -3.85 -2.63 4.23
CA ARG A 33 -2.50 -2.22 3.83
C ARG A 33 -2.32 -2.29 2.33
N THR A 34 -2.01 -1.17 1.71
CA THR A 34 -1.89 -0.98 0.25
C THR A 34 -0.70 -0.11 -0.11
N CYS A 35 0.01 -0.48 -1.18
CA CYS A 35 1.25 0.18 -1.59
C CYS A 35 1.03 1.55 -2.26
N ASN A 36 1.02 2.63 -1.48
CA ASN A 36 0.93 3.99 -1.99
C ASN A 36 2.33 4.50 -2.40
N LEU A 37 2.35 5.60 -3.17
CA LEU A 37 3.54 6.31 -3.58
C LEU A 37 4.23 6.99 -2.38
N LEU A 38 3.47 7.36 -1.35
CA LEU A 38 3.89 8.13 -0.15
C LEU A 38 3.16 7.76 1.16
N PRO A 39 3.63 8.25 2.33
CA PRO A 39 2.97 8.00 3.63
C PRO A 39 1.77 8.94 3.92
N LEU A 1 -1.09 1.53 -11.39
CA LEU A 1 0.14 0.95 -10.81
C LEU A 1 -0.20 -0.03 -9.66
N CYS A 2 0.25 0.32 -8.45
CA CYS A 2 0.27 -0.32 -7.16
C CYS A 2 -1.12 -0.33 -6.48
N ASN A 3 -1.86 -1.42 -6.68
CA ASN A 3 -3.23 -1.66 -6.20
C ASN A 3 -3.31 -3.02 -5.46
N GLU A 4 -2.26 -3.37 -4.72
CA GLU A 4 -2.07 -4.64 -4.01
C GLU A 4 -1.78 -4.41 -2.50
N PRO A 5 -2.00 -5.42 -1.64
CA PRO A 5 -1.81 -5.30 -0.20
C PRO A 5 -0.33 -5.38 0.22
N CYS A 6 -0.03 -4.91 1.44
CA CYS A 6 1.31 -4.92 2.03
C CYS A 6 1.32 -5.07 3.57
N SER A 7 2.50 -5.17 4.16
CA SER A 7 2.74 -5.21 5.62
C SER A 7 3.82 -4.21 6.05
N SER A 8 4.86 -4.05 5.21
CA SER A 8 5.96 -3.10 5.34
C SER A 8 6.37 -2.51 3.97
N ASN A 9 7.40 -1.69 3.93
CA ASN A 9 7.88 -0.97 2.73
C ASN A 9 8.32 -1.86 1.55
N SER A 10 8.95 -2.99 1.86
CA SER A 10 9.57 -3.89 0.89
C SER A 10 8.60 -4.76 0.09
N ASP A 11 7.34 -4.85 0.53
CA ASP A 11 6.26 -5.59 -0.14
C ASP A 11 5.79 -4.97 -1.49
N CYS A 12 6.34 -3.82 -1.91
CA CYS A 12 5.90 -3.08 -3.11
C CYS A 12 7.06 -2.36 -3.84
N ILE A 13 8.29 -2.56 -3.38
CA ILE A 13 9.51 -2.06 -3.98
C ILE A 13 9.75 -2.81 -5.32
N GLY A 14 10.49 -2.21 -6.25
CA GLY A 14 10.90 -2.84 -7.52
C GLY A 14 9.83 -2.86 -8.61
N ILE A 15 8.63 -3.39 -8.31
CA ILE A 15 7.51 -3.53 -9.27
C ILE A 15 7.06 -2.19 -9.87
N THR A 16 7.35 -1.13 -9.14
CA THR A 16 7.25 0.29 -9.34
C THR A 16 8.08 0.93 -8.20
N LEU A 17 8.39 2.23 -8.23
CA LEU A 17 9.06 2.99 -7.17
C LEU A 17 8.13 3.25 -5.95
N CYS A 18 7.07 2.45 -5.77
CA CYS A 18 6.00 2.60 -4.78
C CYS A 18 6.38 1.99 -3.41
N GLN A 19 7.54 2.39 -2.89
CA GLN A 19 8.17 1.88 -1.66
C GLN A 19 7.45 2.19 -0.33
N PHE A 20 6.24 2.77 -0.38
CA PHE A 20 5.51 3.25 0.79
C PHE A 20 4.16 2.56 1.04
N CYS A 21 4.15 1.58 1.93
CA CYS A 21 2.95 0.89 2.41
C CYS A 21 2.12 1.82 3.32
N LYS A 22 0.79 1.82 3.19
CA LYS A 22 -0.17 2.60 4.01
C LYS A 22 -1.33 1.82 4.58
N GLU A 23 -1.93 2.37 5.63
CA GLU A 23 -3.14 1.87 6.24
C GLU A 23 -4.26 2.85 5.88
N LYS A 24 -5.29 2.35 5.22
CA LYS A 24 -6.46 3.08 4.75
C LYS A 24 -7.67 2.18 4.66
N THR A 25 -8.79 2.74 4.25
CA THR A 25 -10.01 1.98 4.00
C THR A 25 -10.62 2.31 2.64
N ASP A 26 -11.63 1.52 2.31
CA ASP A 26 -12.55 1.54 1.19
C ASP A 26 -13.64 2.64 1.43
N GLN A 27 -14.92 2.30 1.29
CA GLN A 27 -16.06 3.17 1.61
C GLN A 27 -16.90 2.67 2.80
N TYR A 28 -16.68 1.42 3.23
CA TYR A 28 -17.39 0.70 4.28
C TYR A 28 -16.80 0.96 5.66
N GLY A 29 -15.50 1.30 5.71
CA GLY A 29 -14.73 1.48 6.94
C GLY A 29 -13.77 0.33 7.25
N LEU A 30 -13.61 -0.63 6.34
CA LEU A 30 -12.66 -1.74 6.45
C LEU A 30 -11.27 -1.23 6.25
N THR A 31 -10.57 -1.07 7.34
CA THR A 31 -9.18 -0.69 7.30
C THR A 31 -8.35 -1.90 6.87
N TYR A 32 -7.46 -1.65 5.92
CA TYR A 32 -6.55 -2.59 5.32
C TYR A 32 -5.19 -1.92 5.03
N ARG A 33 -4.16 -2.73 4.79
CA ARG A 33 -2.79 -2.30 4.44
C ARG A 33 -2.53 -2.45 2.95
N THR A 34 -2.33 -1.32 2.29
CA THR A 34 -2.17 -1.19 0.83
C THR A 34 -1.12 -0.17 0.42
N CYS A 35 -0.48 -0.38 -0.72
CA CYS A 35 0.62 0.48 -1.17
C CYS A 35 0.15 1.87 -1.62
N ASN A 36 0.99 2.90 -1.43
CA ASN A 36 0.75 4.30 -1.84
C ASN A 36 2.02 4.87 -2.51
N LEU A 37 1.88 6.02 -3.17
CA LEU A 37 2.97 6.79 -3.76
C LEU A 37 3.95 7.39 -2.75
N LEU A 38 3.54 7.65 -1.50
CA LEU A 38 4.27 8.33 -0.41
C LEU A 38 4.12 7.72 1.01
N PRO A 39 5.05 8.01 1.95
CA PRO A 39 5.11 7.54 3.33
C PRO A 39 4.24 8.33 4.32
N LEU A 1 -2.00 -2.18 -11.56
CA LEU A 1 -0.65 -2.28 -10.95
C LEU A 1 -0.73 -2.52 -9.42
N CYS A 2 -0.04 -1.71 -8.62
CA CYS A 2 0.24 -1.72 -7.18
C CYS A 2 -0.95 -1.75 -6.17
N ASN A 3 -2.10 -2.29 -6.55
CA ASN A 3 -3.28 -2.50 -5.69
C ASN A 3 -3.06 -3.59 -4.61
N GLU A 4 -1.98 -4.38 -4.73
CA GLU A 4 -1.69 -5.53 -3.85
C GLU A 4 -1.47 -5.14 -2.37
N PRO A 5 -1.82 -6.03 -1.42
CA PRO A 5 -1.56 -5.82 0.01
C PRO A 5 -0.09 -6.13 0.36
N CYS A 6 0.41 -5.54 1.43
CA CYS A 6 1.82 -5.68 1.86
C CYS A 6 2.06 -5.69 3.38
N SER A 7 3.15 -6.36 3.79
CA SER A 7 3.64 -6.46 5.17
C SER A 7 4.57 -5.29 5.52
N SER A 8 5.44 -4.85 4.61
CA SER A 8 6.33 -3.68 4.75
C SER A 8 6.47 -2.89 3.44
N ASN A 9 7.26 -1.81 3.43
CA ASN A 9 7.49 -0.95 2.25
C ASN A 9 8.13 -1.70 1.07
N SER A 10 9.11 -2.53 1.41
CA SER A 10 10.00 -3.30 0.53
C SER A 10 9.30 -4.25 -0.42
N ASP A 11 8.09 -4.64 -0.04
CA ASP A 11 7.14 -5.52 -0.69
C ASP A 11 6.60 -4.93 -2.01
N CYS A 12 6.64 -3.59 -2.15
CA CYS A 12 6.08 -2.82 -3.27
C CYS A 12 7.10 -1.83 -3.86
N ILE A 13 8.23 -1.63 -3.18
CA ILE A 13 9.35 -0.82 -3.60
C ILE A 13 9.93 -1.40 -4.90
N GLY A 14 10.39 -0.52 -5.78
CA GLY A 14 11.09 -0.86 -7.03
C GLY A 14 10.21 -1.48 -8.14
N ILE A 15 9.30 -2.40 -7.80
CA ILE A 15 8.36 -3.06 -8.74
C ILE A 15 7.42 -2.04 -9.38
N THR A 16 7.15 -0.96 -8.67
CA THR A 16 6.41 0.23 -9.03
C THR A 16 6.85 1.35 -8.05
N LEU A 17 6.55 2.60 -8.35
CA LEU A 17 6.81 3.80 -7.54
C LEU A 17 6.02 3.88 -6.20
N CYS A 18 5.30 2.82 -5.82
CA CYS A 18 4.40 2.75 -4.65
C CYS A 18 5.13 2.23 -3.40
N GLN A 19 6.09 2.99 -2.87
CA GLN A 19 6.94 2.54 -1.76
C GLN A 19 6.36 2.59 -0.34
N PHE A 20 5.25 3.28 -0.07
CA PHE A 20 4.75 3.44 1.31
C PHE A 20 3.57 2.52 1.66
N CYS A 21 3.89 1.30 2.07
CA CYS A 21 2.90 0.34 2.57
C CYS A 21 2.29 0.80 3.90
N LYS A 22 1.17 1.54 3.80
CA LYS A 22 0.46 2.18 4.91
C LYS A 22 -0.98 1.68 4.98
N GLU A 23 -1.49 1.43 6.18
CA GLU A 23 -2.88 1.07 6.40
C GLU A 23 -3.78 2.30 6.27
N LYS A 24 -4.66 2.25 5.28
CA LYS A 24 -5.69 3.21 4.89
C LYS A 24 -6.99 2.47 4.91
N THR A 25 -8.08 3.15 4.64
CA THR A 25 -9.39 2.52 4.65
C THR A 25 -10.21 3.09 3.52
N ASP A 26 -11.14 2.29 3.07
CA ASP A 26 -11.96 2.66 1.94
C ASP A 26 -13.09 3.59 2.39
N GLN A 27 -13.92 3.95 1.42
CA GLN A 27 -15.06 4.85 1.64
C GLN A 27 -16.23 4.25 2.46
N TYR A 28 -16.09 3.01 2.92
CA TYR A 28 -17.02 2.28 3.80
C TYR A 28 -16.45 2.14 5.22
N GLY A 29 -15.14 2.43 5.38
CA GLY A 29 -14.39 2.26 6.63
C GLY A 29 -13.73 0.89 6.75
N LEU A 30 -13.54 0.17 5.64
CA LEU A 30 -12.82 -1.11 5.59
C LEU A 30 -11.36 -0.80 5.45
N THR A 31 -10.61 -1.08 6.49
CA THR A 31 -9.20 -0.78 6.65
C THR A 31 -8.30 -1.89 6.07
N TYR A 32 -7.23 -1.48 5.38
CA TYR A 32 -6.26 -2.33 4.71
C TYR A 32 -4.94 -1.60 4.36
N ARG A 33 -3.86 -2.37 4.32
CA ARG A 33 -2.47 -2.02 4.07
C ARG A 33 -1.99 -2.57 2.74
N THR A 34 -2.01 -1.65 1.81
CA THR A 34 -1.64 -1.72 0.39
C THR A 34 -0.58 -0.66 0.06
N CYS A 35 0.06 -0.82 -1.10
CA CYS A 35 1.14 0.05 -1.59
C CYS A 35 0.70 1.52 -1.76
N ASN A 36 0.82 2.39 -0.73
CA ASN A 36 0.50 3.81 -0.90
C ASN A 36 1.67 4.54 -1.59
N LEU A 37 1.37 5.68 -2.22
CA LEU A 37 2.35 6.54 -2.83
C LEU A 37 3.23 7.24 -1.77
N LEU A 38 2.65 7.67 -0.62
CA LEU A 38 3.28 8.39 0.52
C LEU A 38 2.93 7.76 1.90
N PRO A 39 3.69 8.06 2.97
CA PRO A 39 3.44 7.62 4.35
C PRO A 39 2.29 8.36 5.06
N LEU A 1 1.13 -3.89 -9.96
CA LEU A 1 1.05 -2.42 -9.81
C LEU A 1 0.46 -2.08 -8.44
N CYS A 2 0.56 -0.81 -8.01
CA CYS A 2 0.14 -0.33 -6.69
C CYS A 2 -1.39 -0.32 -6.45
N ASN A 3 -1.97 -1.50 -6.24
CA ASN A 3 -3.40 -1.73 -5.98
C ASN A 3 -3.64 -2.76 -4.87
N GLU A 4 -3.04 -3.94 -5.01
CA GLU A 4 -3.23 -5.10 -4.13
C GLU A 4 -2.76 -4.87 -2.68
N PRO A 5 -3.21 -5.71 -1.73
CA PRO A 5 -2.80 -5.64 -0.33
C PRO A 5 -1.33 -6.08 -0.14
N CYS A 6 -0.61 -5.34 0.72
CA CYS A 6 0.80 -5.59 1.04
C CYS A 6 1.04 -6.09 2.48
N SER A 7 2.22 -6.67 2.71
CA SER A 7 2.70 -7.06 4.05
C SER A 7 3.32 -5.84 4.76
N SER A 8 4.26 -5.17 4.09
CA SER A 8 5.01 -3.96 4.50
C SER A 8 5.72 -3.35 3.28
N ASN A 9 6.50 -2.26 3.45
CA ASN A 9 7.15 -1.47 2.39
C ASN A 9 7.82 -2.31 1.29
N SER A 10 8.65 -3.30 1.67
CA SER A 10 9.43 -4.09 0.72
C SER A 10 8.60 -5.01 -0.21
N ASP A 11 7.30 -5.11 0.02
CA ASP A 11 6.32 -5.81 -0.82
C ASP A 11 5.83 -4.90 -1.98
N CYS A 12 6.28 -3.64 -2.02
CA CYS A 12 5.86 -2.59 -2.96
C CYS A 12 7.05 -1.79 -3.52
N ILE A 13 8.23 -1.88 -2.89
CA ILE A 13 9.50 -1.31 -3.31
C ILE A 13 9.93 -1.95 -4.64
N GLY A 14 10.65 -1.21 -5.48
CA GLY A 14 11.25 -1.67 -6.74
C GLY A 14 10.25 -1.98 -7.87
N ILE A 15 9.19 -2.77 -7.59
CA ILE A 15 8.16 -3.24 -8.53
C ILE A 15 7.42 -2.08 -9.19
N THR A 16 7.37 -0.97 -8.47
CA THR A 16 6.87 0.35 -8.78
C THR A 16 7.49 1.30 -7.72
N LEU A 17 7.46 2.62 -7.93
CA LEU A 17 7.97 3.67 -7.04
C LEU A 17 7.16 3.86 -5.71
N CYS A 18 6.37 2.88 -5.27
CA CYS A 18 5.44 2.96 -4.13
C CYS A 18 6.04 2.39 -2.83
N GLN A 19 7.18 2.92 -2.36
CA GLN A 19 7.87 2.35 -1.19
C GLN A 19 7.16 2.57 0.16
N PHE A 20 6.00 3.23 0.19
CA PHE A 20 5.32 3.59 1.43
C PHE A 20 3.94 2.95 1.49
N CYS A 21 3.88 1.71 1.97
CA CYS A 21 2.62 0.99 2.08
C CYS A 21 1.73 1.56 3.22
N LYS A 22 0.69 2.30 2.84
CA LYS A 22 -0.24 3.05 3.69
C LYS A 22 -1.35 2.19 4.27
N GLU A 23 -1.72 2.51 5.52
CA GLU A 23 -2.85 1.92 6.21
C GLU A 23 -4.03 2.89 6.08
N LYS A 24 -5.01 2.52 5.26
CA LYS A 24 -6.27 3.26 5.05
C LYS A 24 -7.43 2.31 4.89
N THR A 25 -8.62 2.89 4.82
CA THR A 25 -9.83 2.15 4.54
C THR A 25 -10.61 2.78 3.41
N ASP A 26 -11.51 1.98 2.88
CA ASP A 26 -12.48 2.36 1.89
C ASP A 26 -13.76 2.72 2.67
N GLN A 27 -14.81 3.04 1.93
CA GLN A 27 -16.10 3.52 2.47
C GLN A 27 -16.85 2.54 3.39
N TYR A 28 -16.32 1.33 3.55
CA TYR A 28 -16.86 0.22 4.32
C TYR A 28 -16.33 0.18 5.76
N GLY A 29 -15.15 0.78 6.00
CA GLY A 29 -14.43 0.73 7.28
C GLY A 29 -13.37 -0.39 7.39
N LEU A 30 -13.11 -1.11 6.30
CA LEU A 30 -12.07 -2.13 6.19
C LEU A 30 -10.73 -1.44 6.05
N THR A 31 -9.94 -1.52 7.08
CA THR A 31 -8.59 -1.00 7.02
C THR A 31 -7.73 -2.08 6.39
N TYR A 32 -6.97 -1.65 5.38
CA TYR A 32 -6.10 -2.47 4.59
C TYR A 32 -4.77 -1.73 4.36
N ARG A 33 -3.69 -2.48 4.13
CA ARG A 33 -2.36 -1.98 3.78
C ARG A 33 -2.19 -1.98 2.27
N THR A 34 -1.99 -0.80 1.69
CA THR A 34 -1.92 -0.60 0.23
C THR A 34 -0.73 0.26 -0.19
N CYS A 35 -0.09 -0.11 -1.29
CA CYS A 35 1.14 0.53 -1.79
C CYS A 35 0.89 2.01 -2.19
N ASN A 36 1.22 2.99 -1.34
CA ASN A 36 1.11 4.42 -1.65
C ASN A 36 2.49 5.00 -2.02
N LEU A 37 2.47 6.18 -2.64
CA LEU A 37 3.62 6.98 -2.99
C LEU A 37 4.32 7.66 -1.80
N LEU A 38 3.67 7.87 -0.63
CA LEU A 38 4.23 8.57 0.53
C LEU A 38 3.97 7.90 1.92
N PRO A 39 4.88 8.12 2.88
CA PRO A 39 4.80 7.65 4.26
C PRO A 39 3.71 8.35 5.08
N LEU A 1 -1.55 -0.89 -11.32
CA LEU A 1 -0.11 -0.61 -11.12
C LEU A 1 0.34 -1.04 -9.74
N CYS A 2 0.05 -0.26 -8.68
CA CYS A 2 0.32 -0.60 -7.28
C CYS A 2 -0.98 -0.65 -6.45
N ASN A 3 -2.07 -1.22 -7.00
CA ASN A 3 -3.36 -1.34 -6.31
C ASN A 3 -3.39 -2.56 -5.35
N GLU A 4 -2.60 -3.59 -5.62
CA GLU A 4 -2.56 -4.83 -4.83
C GLU A 4 -2.06 -4.58 -3.37
N PRO A 5 -2.47 -5.42 -2.40
CA PRO A 5 -2.18 -5.21 -0.97
C PRO A 5 -0.73 -5.53 -0.54
N CYS A 6 -0.38 -5.07 0.66
CA CYS A 6 0.93 -5.25 1.33
C CYS A 6 0.80 -5.44 2.86
N SER A 7 1.95 -5.53 3.54
CA SER A 7 2.09 -5.61 5.01
C SER A 7 3.17 -4.63 5.52
N SER A 8 4.30 -4.52 4.82
CA SER A 8 5.41 -3.59 5.07
C SER A 8 5.90 -2.94 3.76
N ASN A 9 6.72 -1.88 3.83
CA ASN A 9 7.23 -1.17 2.63
C ASN A 9 7.93 -2.09 1.60
N SER A 10 8.55 -3.17 2.07
CA SER A 10 9.32 -4.14 1.28
C SER A 10 8.47 -4.95 0.31
N ASP A 11 7.15 -5.00 0.52
CA ASP A 11 6.16 -5.62 -0.37
C ASP A 11 5.83 -4.76 -1.61
N CYS A 12 6.31 -3.51 -1.65
CA CYS A 12 5.99 -2.52 -2.69
C CYS A 12 7.25 -1.89 -3.31
N ILE A 13 8.40 -2.11 -2.67
CA ILE A 13 9.72 -1.71 -3.10
C ILE A 13 10.11 -2.46 -4.39
N GLY A 14 10.93 -1.83 -5.23
CA GLY A 14 11.49 -2.42 -6.45
C GLY A 14 10.50 -2.58 -7.63
N ILE A 15 9.32 -3.16 -7.39
CA ILE A 15 8.30 -3.48 -8.41
C ILE A 15 7.88 -2.26 -9.22
N THR A 16 7.90 -1.11 -8.57
CA THR A 16 7.70 0.26 -9.01
C THR A 16 8.36 1.13 -7.92
N LEU A 17 8.44 2.45 -8.08
CA LEU A 17 8.92 3.38 -7.05
C LEU A 17 7.94 3.55 -5.85
N CYS A 18 6.86 2.77 -5.81
CA CYS A 18 5.74 2.81 -4.87
C CYS A 18 6.04 2.18 -3.49
N GLN A 19 7.25 2.38 -2.96
CA GLN A 19 7.84 1.82 -1.74
C GLN A 19 7.12 2.10 -0.40
N PHE A 20 5.89 2.61 -0.40
CA PHE A 20 5.20 3.04 0.81
C PHE A 20 3.89 2.29 1.14
N CYS A 21 4.00 1.25 1.96
CA CYS A 21 2.88 0.44 2.45
C CYS A 21 2.09 1.16 3.56
N LYS A 22 1.10 1.94 3.16
CA LYS A 22 0.20 2.73 4.01
C LYS A 22 -1.12 2.05 4.34
N GLU A 23 -1.53 2.13 5.60
CA GLU A 23 -2.85 1.67 6.03
C GLU A 23 -3.87 2.79 5.75
N LYS A 24 -4.95 2.42 5.07
CA LYS A 24 -6.13 3.21 4.75
C LYS A 24 -7.35 2.29 4.74
N THR A 25 -8.51 2.86 4.49
CA THR A 25 -9.74 2.09 4.34
C THR A 25 -10.54 2.51 3.10
N ASP A 26 -11.51 1.67 2.82
CA ASP A 26 -12.54 1.81 1.82
C ASP A 26 -13.66 2.70 2.41
N GLN A 27 -14.77 2.77 1.69
CA GLN A 27 -15.98 3.48 2.13
C GLN A 27 -16.75 2.80 3.28
N TYR A 28 -16.39 1.57 3.65
CA TYR A 28 -17.07 0.74 4.66
C TYR A 28 -16.42 0.84 6.04
N GLY A 29 -15.14 1.19 6.09
CA GLY A 29 -14.34 1.24 7.31
C GLY A 29 -13.42 0.02 7.49
N LEU A 30 -13.24 -0.79 6.44
CA LEU A 30 -12.32 -1.91 6.43
C LEU A 30 -10.93 -1.37 6.16
N THR A 31 -10.13 -1.39 7.19
CA THR A 31 -8.74 -0.99 7.08
C THR A 31 -7.98 -2.12 6.39
N TYR A 32 -7.16 -1.72 5.41
CA TYR A 32 -6.23 -2.57 4.68
C TYR A 32 -4.92 -1.81 4.45
N ARG A 33 -3.84 -2.54 4.16
CA ARG A 33 -2.51 -2.00 3.86
C ARG A 33 -2.24 -2.09 2.36
N THR A 34 -1.95 -0.96 1.74
CA THR A 34 -1.79 -0.81 0.28
C THR A 34 -0.57 0.01 -0.11
N CYS A 35 -0.05 -0.25 -1.30
CA CYS A 35 1.16 0.40 -1.84
C CYS A 35 0.86 1.84 -2.32
N ASN A 36 0.82 2.79 -1.39
CA ASN A 36 0.60 4.20 -1.67
C ASN A 36 1.84 4.84 -2.34
N LEU A 37 1.64 5.98 -3.01
CA LEU A 37 2.73 6.76 -3.59
C LEU A 37 3.68 7.36 -2.54
N LEU A 38 3.26 7.45 -1.26
CA LEU A 38 3.99 8.08 -0.15
C LEU A 38 3.75 7.43 1.23
N PRO A 39 4.68 7.62 2.20
CA PRO A 39 4.63 7.00 3.54
C PRO A 39 3.54 7.58 4.46
N LEU A 1 -1.69 -1.17 -11.76
CA LEU A 1 -0.46 -0.60 -11.16
C LEU A 1 -0.54 -0.73 -9.64
N CYS A 2 0.56 -0.50 -8.92
CA CYS A 2 0.67 -0.71 -7.47
C CYS A 2 -0.51 -0.17 -6.63
N ASN A 3 -1.36 -1.09 -6.19
CA ASN A 3 -2.52 -0.92 -5.29
C ASN A 3 -2.67 -2.09 -4.28
N GLU A 4 -1.91 -3.16 -4.47
CA GLU A 4 -1.89 -4.45 -3.79
C GLU A 4 -1.59 -4.39 -2.27
N PRO A 5 -1.97 -5.44 -1.50
CA PRO A 5 -1.67 -5.53 -0.07
C PRO A 5 -0.19 -5.86 0.20
N CYS A 6 0.29 -5.46 1.39
CA CYS A 6 1.69 -5.59 1.81
C CYS A 6 1.85 -5.93 3.31
N SER A 7 2.98 -6.52 3.69
CA SER A 7 3.36 -6.80 5.09
C SER A 7 4.33 -5.72 5.61
N SER A 8 5.20 -5.22 4.73
CA SER A 8 6.14 -4.11 4.96
C SER A 8 6.38 -3.30 3.67
N ASN A 9 7.26 -2.30 3.73
CA ASN A 9 7.58 -1.34 2.67
C ASN A 9 8.21 -1.95 1.40
N SER A 10 9.24 -2.75 1.60
CA SER A 10 10.08 -3.32 0.55
C SER A 10 9.43 -4.45 -0.25
N ASP A 11 8.31 -4.96 0.24
CA ASP A 11 7.42 -5.96 -0.35
C ASP A 11 6.89 -5.57 -1.76
N CYS A 12 6.93 -4.28 -2.09
CA CYS A 12 6.33 -3.70 -3.30
C CYS A 12 7.25 -2.72 -4.03
N ILE A 13 8.47 -2.54 -3.52
CA ILE A 13 9.48 -1.65 -4.08
C ILE A 13 9.88 -2.15 -5.48
N GLY A 14 10.32 -1.22 -6.33
CA GLY A 14 10.85 -1.51 -7.66
C GLY A 14 9.80 -1.69 -8.75
N ILE A 15 8.68 -2.37 -8.48
CA ILE A 15 7.56 -2.51 -9.45
C ILE A 15 6.90 -1.17 -9.75
N THR A 16 6.94 -0.27 -8.78
CA THR A 16 6.53 1.12 -8.77
C THR A 16 7.25 1.78 -7.58
N LEU A 17 7.26 3.11 -7.49
CA LEU A 17 7.80 3.90 -6.38
C LEU A 17 6.92 3.78 -5.10
N CYS A 18 6.19 2.68 -4.94
CA CYS A 18 5.19 2.41 -3.91
C CYS A 18 5.79 1.79 -2.64
N GLN A 19 6.93 2.34 -2.21
CA GLN A 19 7.64 1.98 -0.99
C GLN A 19 6.84 2.20 0.30
N PHE A 20 5.71 2.92 0.24
CA PHE A 20 4.93 3.33 1.39
C PHE A 20 3.78 2.36 1.73
N CYS A 21 4.12 1.21 2.33
CA CYS A 21 3.15 0.24 2.86
C CYS A 21 2.40 0.91 4.02
N LYS A 22 1.17 1.36 3.77
CA LYS A 22 0.37 2.16 4.72
C LYS A 22 -1.03 1.62 4.97
N GLU A 23 -1.53 1.80 6.20
CA GLU A 23 -2.89 1.45 6.59
C GLU A 23 -3.84 2.59 6.24
N LYS A 24 -4.69 2.34 5.25
CA LYS A 24 -5.77 3.18 4.73
C LYS A 24 -7.06 2.40 4.88
N THR A 25 -8.18 3.02 4.55
CA THR A 25 -9.47 2.37 4.73
C THR A 25 -10.37 2.75 3.57
N ASP A 26 -11.33 1.88 3.31
CA ASP A 26 -12.21 2.04 2.19
C ASP A 26 -13.24 3.15 2.48
N GLN A 27 -14.03 3.46 1.46
CA GLN A 27 -15.14 4.43 1.57
C GLN A 27 -16.26 3.94 2.52
N TYR A 28 -16.09 2.71 2.99
CA TYR A 28 -16.93 1.95 3.89
C TYR A 28 -16.43 2.05 5.35
N GLY A 29 -15.13 2.29 5.55
CA GLY A 29 -14.43 2.31 6.84
C GLY A 29 -13.74 0.98 7.20
N LEU A 30 -13.50 0.12 6.21
CA LEU A 30 -12.75 -1.12 6.34
C LEU A 30 -11.30 -0.79 6.11
N THR A 31 -10.50 -0.95 7.13
CA THR A 31 -9.10 -0.61 7.18
C THR A 31 -8.19 -1.78 6.74
N TYR A 32 -7.19 -1.47 5.89
CA TYR A 32 -6.26 -2.41 5.28
C TYR A 32 -4.89 -1.77 4.95
N ARG A 33 -3.85 -2.60 4.86
CA ARG A 33 -2.47 -2.22 4.55
C ARG A 33 -2.10 -2.55 3.12
N THR A 34 -1.82 -1.50 2.35
CA THR A 34 -1.53 -1.55 0.92
C THR A 34 -0.31 -0.69 0.61
N CYS A 35 0.43 -1.07 -0.42
CA CYS A 35 1.63 -0.35 -0.82
C CYS A 35 1.26 0.91 -1.62
N ASN A 36 1.08 2.00 -0.89
CA ASN A 36 0.72 3.30 -1.43
C ASN A 36 1.92 3.96 -2.13
N LEU A 37 1.63 4.90 -3.03
CA LEU A 37 2.64 5.71 -3.69
C LEU A 37 3.38 6.67 -2.74
N LEU A 38 2.80 6.96 -1.56
CA LEU A 38 3.27 7.94 -0.56
C LEU A 38 2.91 7.58 0.90
N PRO A 39 3.57 8.16 1.91
CA PRO A 39 3.27 7.93 3.32
C PRO A 39 2.02 8.73 3.79
N LEU A 1 -3.87 0.20 -10.13
CA LEU A 1 -2.45 -0.15 -10.28
C LEU A 1 -1.93 -0.50 -8.89
N CYS A 2 -1.32 0.44 -8.15
CA CYS A 2 -0.89 0.22 -6.76
C CYS A 2 -2.09 -0.02 -5.82
N ASN A 3 -2.43 -1.30 -5.64
CA ASN A 3 -3.59 -1.80 -4.90
C ASN A 3 -3.21 -2.99 -3.99
N GLU A 4 -2.00 -3.53 -4.15
CA GLU A 4 -1.46 -4.72 -3.51
C GLU A 4 -1.16 -4.59 -2.00
N PRO A 5 -1.38 -5.67 -1.22
CA PRO A 5 -1.02 -5.72 0.19
C PRO A 5 0.48 -6.00 0.36
N CYS A 6 1.03 -5.61 1.51
CA CYS A 6 2.45 -5.80 1.86
C CYS A 6 2.73 -6.08 3.35
N SER A 7 3.89 -6.70 3.63
CA SER A 7 4.42 -6.97 4.98
C SER A 7 4.99 -5.70 5.65
N SER A 8 5.93 -5.07 4.95
CA SER A 8 6.72 -3.89 5.27
C SER A 8 7.14 -3.21 3.95
N ASN A 9 7.61 -1.95 3.96
CA ASN A 9 7.93 -1.21 2.72
C ASN A 9 8.65 -2.02 1.65
N SER A 10 9.67 -2.77 2.07
CA SER A 10 10.58 -3.55 1.23
C SER A 10 9.94 -4.75 0.51
N ASP A 11 8.69 -5.08 0.81
CA ASP A 11 7.86 -6.10 0.16
C ASP A 11 7.19 -5.60 -1.14
N CYS A 12 7.43 -4.35 -1.61
CA CYS A 12 6.69 -3.79 -2.77
C CYS A 12 7.50 -2.83 -3.65
N ILE A 13 8.80 -2.70 -3.35
CA ILE A 13 9.76 -1.81 -3.97
C ILE A 13 9.99 -2.19 -5.44
N GLY A 14 10.43 -1.22 -6.22
CA GLY A 14 10.84 -1.35 -7.63
C GLY A 14 9.76 -1.71 -8.67
N ILE A 15 8.79 -2.57 -8.34
CA ILE A 15 7.71 -3.03 -9.25
C ILE A 15 6.84 -1.88 -9.77
N THR A 16 6.78 -0.83 -8.96
CA THR A 16 6.20 0.48 -9.12
C THR A 16 6.88 1.35 -8.03
N LEU A 17 6.92 2.67 -8.17
CA LEU A 17 7.50 3.61 -7.19
C LEU A 17 6.75 3.73 -5.83
N CYS A 18 5.67 2.97 -5.63
CA CYS A 18 4.74 2.99 -4.49
C CYS A 18 5.29 2.35 -3.21
N GLN A 19 6.54 2.61 -2.84
CA GLN A 19 7.23 2.00 -1.70
C GLN A 19 6.70 2.30 -0.28
N PHE A 20 5.46 2.79 -0.12
CA PHE A 20 4.92 3.23 1.17
C PHE A 20 3.76 2.38 1.71
N CYS A 21 4.12 1.30 2.39
CA CYS A 21 3.22 0.40 3.11
C CYS A 21 2.50 1.16 4.24
N LYS A 22 1.20 1.48 4.06
CA LYS A 22 0.41 2.30 4.98
C LYS A 22 -0.93 1.63 5.28
N GLU A 23 -1.45 1.81 6.50
CA GLU A 23 -2.77 1.34 6.89
C GLU A 23 -3.82 2.39 6.47
N LYS A 24 -4.53 2.11 5.38
CA LYS A 24 -5.55 2.98 4.78
C LYS A 24 -6.85 2.21 4.54
N THR A 25 -7.85 2.91 4.02
CA THR A 25 -9.11 2.29 3.63
C THR A 25 -9.54 2.71 2.23
N ASP A 26 -10.57 2.02 1.73
CA ASP A 26 -11.27 2.17 0.47
C ASP A 26 -12.20 3.40 0.54
N GLN A 27 -13.51 3.20 0.60
CA GLN A 27 -14.53 4.23 0.81
C GLN A 27 -15.66 3.75 1.76
N TYR A 28 -15.61 2.48 2.17
CA TYR A 28 -16.53 1.80 3.07
C TYR A 28 -16.08 1.88 4.54
N GLY A 29 -14.80 2.17 4.74
CA GLY A 29 -14.14 2.18 6.06
C GLY A 29 -13.36 0.91 6.38
N LEU A 30 -13.23 -0.01 5.42
CA LEU A 30 -12.44 -1.23 5.57
C LEU A 30 -10.98 -0.84 5.54
N THR A 31 -10.37 -0.85 6.70
CA THR A 31 -8.97 -0.58 6.82
C THR A 31 -8.18 -1.85 6.48
N TYR A 32 -7.13 -1.67 5.69
CA TYR A 32 -6.24 -2.69 5.19
C TYR A 32 -4.81 -2.13 5.06
N ARG A 33 -3.80 -2.99 4.86
CA ARG A 33 -2.38 -2.59 4.78
C ARG A 33 -1.87 -2.81 3.36
N THR A 34 -1.61 -1.69 2.68
CA THR A 34 -1.24 -1.67 1.26
C THR A 34 -0.15 -0.67 0.93
N CYS A 35 0.48 -0.86 -0.24
CA CYS A 35 1.51 0.05 -0.74
C CYS A 35 0.95 1.28 -1.44
N ASN A 36 0.80 2.36 -0.65
CA ASN A 36 0.38 3.67 -1.16
C ASN A 36 1.57 4.32 -1.90
N LEU A 37 1.29 5.34 -2.72
CA LEU A 37 2.32 6.13 -3.38
C LEU A 37 3.30 6.81 -2.41
N LEU A 38 2.84 7.16 -1.20
CA LEU A 38 3.54 7.95 -0.17
C LEU A 38 3.17 7.63 1.29
N PRO A 39 3.95 8.11 2.30
CA PRO A 39 3.72 7.85 3.73
C PRO A 39 2.64 8.76 4.36
N LEU A 1 -1.21 -0.76 -12.08
CA LEU A 1 0.10 -0.90 -11.41
C LEU A 1 -0.04 -0.65 -9.91
N CYS A 2 0.58 -1.52 -9.10
CA CYS A 2 0.74 -1.47 -7.65
C CYS A 2 -0.54 -1.30 -6.77
N ASN A 3 -1.75 -1.32 -7.33
CA ASN A 3 -3.01 -1.29 -6.56
C ASN A 3 -3.26 -2.71 -5.98
N GLU A 4 -2.48 -3.10 -4.98
CA GLU A 4 -2.58 -4.38 -4.25
C GLU A 4 -2.34 -4.15 -2.75
N PRO A 5 -2.80 -5.06 -1.87
CA PRO A 5 -2.53 -4.99 -0.43
C PRO A 5 -1.08 -5.42 -0.14
N CYS A 6 -0.56 -5.03 1.04
CA CYS A 6 0.84 -5.34 1.40
C CYS A 6 1.12 -5.66 2.87
N SER A 7 2.15 -6.50 3.08
CA SER A 7 2.70 -6.87 4.39
C SER A 7 3.37 -5.65 5.05
N SER A 8 4.36 -5.06 4.37
CA SER A 8 5.07 -3.82 4.69
C SER A 8 5.79 -3.29 3.43
N ASN A 9 6.53 -2.18 3.53
CA ASN A 9 7.18 -1.47 2.41
C ASN A 9 7.80 -2.37 1.33
N SER A 10 8.63 -3.32 1.73
CA SER A 10 9.40 -4.22 0.87
C SER A 10 8.56 -5.19 0.03
N ASP A 11 7.25 -5.27 0.31
CA ASP A 11 6.25 -6.03 -0.42
C ASP A 11 5.73 -5.30 -1.68
N CYS A 12 6.18 -4.05 -1.91
CA CYS A 12 5.75 -3.15 -3.01
C CYS A 12 6.92 -2.38 -3.64
N ILE A 13 8.04 -2.25 -2.92
CA ILE A 13 9.29 -1.63 -3.35
C ILE A 13 9.75 -2.22 -4.69
N GLY A 14 10.39 -1.38 -5.49
CA GLY A 14 11.01 -1.78 -6.76
C GLY A 14 10.05 -1.95 -7.94
N ILE A 15 8.91 -2.64 -7.77
CA ILE A 15 7.98 -2.96 -8.89
C ILE A 15 7.37 -1.69 -9.49
N THR A 16 7.27 -0.65 -8.67
CA THR A 16 6.88 0.72 -8.94
C THR A 16 7.41 1.55 -7.76
N LEU A 17 7.38 2.88 -7.84
CA LEU A 17 7.80 3.80 -6.77
C LEU A 17 6.91 3.79 -5.49
N CYS A 18 5.97 2.86 -5.41
CA CYS A 18 4.92 2.63 -4.41
C CYS A 18 5.44 2.02 -3.08
N GLN A 19 6.63 2.43 -2.64
CA GLN A 19 7.36 1.88 -1.48
C GLN A 19 6.73 2.13 -0.09
N PHE A 20 5.68 2.94 0.03
CA PHE A 20 5.15 3.34 1.33
C PHE A 20 3.83 2.65 1.71
N CYS A 21 3.94 1.48 2.35
CA CYS A 21 2.82 0.64 2.83
C CYS A 21 1.99 1.23 3.97
N LYS A 22 1.20 2.24 3.63
CA LYS A 22 0.21 2.94 4.45
C LYS A 22 -0.99 2.08 4.82
N GLU A 23 -1.81 2.63 5.71
CA GLU A 23 -3.09 2.10 6.12
C GLU A 23 -4.19 3.15 5.93
N LYS A 24 -5.23 2.74 5.19
CA LYS A 24 -6.47 3.46 4.92
C LYS A 24 -7.63 2.49 4.90
N THR A 25 -8.81 3.00 4.59
CA THR A 25 -10.01 2.20 4.41
C THR A 25 -10.76 2.59 3.14
N ASP A 26 -11.71 1.74 2.79
CA ASP A 26 -12.68 1.81 1.71
C ASP A 26 -13.87 2.69 2.16
N GLN A 27 -15.05 2.42 1.62
CA GLN A 27 -16.32 3.09 1.97
C GLN A 27 -17.14 2.35 3.04
N TYR A 28 -16.66 1.18 3.47
CA TYR A 28 -17.28 0.28 4.46
C TYR A 28 -16.65 0.46 5.85
N GLY A 29 -15.43 0.99 5.94
CA GLY A 29 -14.68 1.16 7.18
C GLY A 29 -13.67 0.05 7.44
N LEU A 30 -13.45 -0.85 6.47
CA LEU A 30 -12.46 -1.92 6.54
C LEU A 30 -11.11 -1.32 6.30
N THR A 31 -10.30 -1.30 7.32
CA THR A 31 -8.94 -0.82 7.18
C THR A 31 -8.17 -1.93 6.47
N TYR A 32 -7.26 -1.54 5.59
CA TYR A 32 -6.33 -2.42 4.91
C TYR A 32 -5.01 -1.68 4.66
N ARG A 33 -3.95 -2.44 4.45
CA ARG A 33 -2.61 -1.95 4.17
C ARG A 33 -2.32 -2.02 2.69
N THR A 34 -1.94 -0.88 2.11
CA THR A 34 -1.74 -0.75 0.66
C THR A 34 -0.53 0.08 0.28
N CYS A 35 0.01 -0.22 -0.90
CA CYS A 35 1.22 0.39 -1.46
C CYS A 35 1.03 1.88 -1.86
N ASN A 36 1.11 2.84 -0.92
CA ASN A 36 1.01 4.26 -1.26
C ASN A 36 2.29 4.81 -1.90
N LEU A 37 2.13 5.91 -2.64
CA LEU A 37 3.19 6.68 -3.26
C LEU A 37 4.12 7.39 -2.25
N LEU A 38 3.64 7.80 -1.06
CA LEU A 38 4.35 8.55 0.01
C LEU A 38 4.13 7.94 1.42
N PRO A 39 5.06 8.18 2.37
CA PRO A 39 4.97 7.77 3.77
C PRO A 39 4.04 8.64 4.63
N LEU A 1 1.27 -3.65 -10.68
CA LEU A 1 2.00 -2.39 -10.36
C LEU A 1 1.51 -1.89 -9.00
N CYS A 2 1.75 -0.62 -8.62
CA CYS A 2 1.29 -0.05 -7.34
C CYS A 2 -0.25 0.21 -7.36
N ASN A 3 -1.05 -0.86 -7.32
CA ASN A 3 -2.52 -0.85 -7.33
C ASN A 3 -3.07 -1.87 -6.32
N GLU A 4 -2.55 -3.10 -6.34
CA GLU A 4 -2.89 -4.15 -5.38
C GLU A 4 -2.47 -3.80 -3.91
N PRO A 5 -3.07 -4.44 -2.90
CA PRO A 5 -2.67 -4.27 -1.49
C PRO A 5 -1.32 -4.95 -1.16
N CYS A 6 -0.72 -4.58 -0.03
CA CYS A 6 0.59 -5.09 0.43
C CYS A 6 0.64 -5.24 1.95
N SER A 7 1.25 -6.32 2.44
CA SER A 7 1.31 -6.62 3.89
C SER A 7 2.30 -5.75 4.68
N SER A 8 3.39 -5.35 4.02
CA SER A 8 4.45 -4.47 4.53
C SER A 8 5.09 -3.71 3.36
N ASN A 9 5.99 -2.77 3.65
CA ASN A 9 6.69 -1.92 2.67
C ASN A 9 7.27 -2.70 1.50
N SER A 10 8.13 -3.67 1.84
CA SER A 10 8.91 -4.44 0.87
C SER A 10 8.12 -5.40 -0.02
N ASP A 11 6.80 -5.50 0.17
CA ASP A 11 5.88 -6.28 -0.67
C ASP A 11 5.55 -5.56 -2.00
N CYS A 12 5.99 -4.30 -2.19
CA CYS A 12 5.67 -3.44 -3.35
C CYS A 12 6.87 -2.57 -3.77
N ILE A 13 8.03 -2.75 -3.14
CA ILE A 13 9.28 -2.08 -3.41
C ILE A 13 9.87 -2.56 -4.76
N GLY A 14 10.76 -1.74 -5.34
CA GLY A 14 11.51 -2.06 -6.55
C GLY A 14 10.72 -1.92 -7.85
N ILE A 15 9.52 -2.49 -7.92
CA ILE A 15 8.60 -2.42 -9.08
C ILE A 15 8.33 -0.98 -9.52
N THR A 16 8.34 -0.08 -8.55
CA THR A 16 8.28 1.38 -8.63
C THR A 16 8.76 1.89 -7.25
N LEU A 17 8.95 3.20 -7.10
CA LEU A 17 9.31 3.91 -5.86
C LEU A 17 8.20 3.87 -4.78
N CYS A 18 7.26 2.92 -4.85
CA CYS A 18 6.06 2.80 -4.03
C CYS A 18 6.27 1.96 -2.76
N GLN A 19 7.35 2.29 -2.05
CA GLN A 19 7.73 1.72 -0.76
C GLN A 19 6.74 2.02 0.39
N PHE A 20 5.76 2.90 0.16
CA PHE A 20 4.83 3.38 1.16
C PHE A 20 3.46 2.69 1.12
N CYS A 21 3.42 1.49 1.69
CA CYS A 21 2.23 0.66 1.91
C CYS A 21 1.29 1.27 2.97
N LYS A 22 0.73 2.44 2.67
CA LYS A 22 -0.11 3.29 3.54
C LYS A 22 -1.40 2.58 3.99
N GLU A 23 -1.76 2.83 5.24
CA GLU A 23 -2.94 2.27 5.91
C GLU A 23 -4.13 3.23 5.80
N LYS A 24 -5.19 2.80 5.11
CA LYS A 24 -6.46 3.51 4.89
C LYS A 24 -7.62 2.53 4.90
N THR A 25 -8.85 3.00 4.66
CA THR A 25 -10.03 2.15 4.59
C THR A 25 -10.92 2.44 3.39
N ASP A 26 -11.84 1.51 3.20
CA ASP A 26 -12.93 1.43 2.24
C ASP A 26 -14.08 2.39 2.60
N GLN A 27 -15.32 1.92 2.56
CA GLN A 27 -16.55 2.62 2.96
C GLN A 27 -17.17 2.04 4.27
N TYR A 28 -16.67 0.90 4.73
CA TYR A 28 -17.14 0.10 5.86
C TYR A 28 -16.41 0.45 7.15
N GLY A 29 -15.15 0.90 7.04
CA GLY A 29 -14.24 1.19 8.16
C GLY A 29 -13.12 0.15 8.34
N LEU A 30 -12.99 -0.81 7.42
CA LEU A 30 -11.94 -1.83 7.42
C LEU A 30 -10.64 -1.21 6.97
N THR A 31 -9.81 -0.95 7.94
CA THR A 31 -8.49 -0.42 7.67
C THR A 31 -7.58 -1.55 7.19
N TYR A 32 -6.95 -1.29 6.07
CA TYR A 32 -6.06 -2.18 5.33
C TYR A 32 -4.80 -1.42 4.85
N ARG A 33 -3.78 -2.17 4.45
CA ARG A 33 -2.50 -1.66 3.93
C ARG A 33 -2.50 -1.74 2.40
N THR A 34 -2.27 -0.59 1.77
CA THR A 34 -2.35 -0.43 0.31
C THR A 34 -1.15 0.28 -0.26
N CYS A 35 -0.70 -0.19 -1.42
CA CYS A 35 0.53 0.29 -2.08
C CYS A 35 0.41 1.71 -2.65
N ASN A 36 0.92 2.72 -1.92
CA ASN A 36 0.99 4.11 -2.35
C ASN A 36 2.43 4.56 -2.66
N LEU A 37 2.55 5.62 -3.47
CA LEU A 37 3.80 6.29 -3.80
C LEU A 37 4.46 7.04 -2.64
N LEU A 38 3.71 7.38 -1.56
CA LEU A 38 4.18 8.20 -0.43
C LEU A 38 3.54 7.87 0.94
N PRO A 39 4.17 8.27 2.06
CA PRO A 39 3.70 8.02 3.44
C PRO A 39 2.63 9.01 3.92
N LEU A 1 2.84 -4.27 -12.63
CA LEU A 1 3.01 -2.88 -12.11
C LEU A 1 2.53 -2.81 -10.65
N CYS A 2 2.67 -1.66 -9.99
CA CYS A 2 2.21 -1.47 -8.60
C CYS A 2 0.68 -1.53 -8.47
N ASN A 3 0.16 -2.67 -8.02
CA ASN A 3 -1.24 -2.98 -7.69
C ASN A 3 -1.29 -3.88 -6.43
N GLU A 4 -2.49 -4.33 -6.02
CA GLU A 4 -2.74 -5.29 -4.93
C GLU A 4 -2.37 -4.83 -3.48
N PRO A 5 -2.80 -5.56 -2.42
CA PRO A 5 -2.50 -5.23 -1.02
C PRO A 5 -1.10 -5.71 -0.57
N CYS A 6 -0.62 -5.21 0.57
CA CYS A 6 0.74 -5.46 1.09
C CYS A 6 0.80 -5.74 2.61
N SER A 7 1.97 -6.08 3.14
CA SER A 7 2.25 -6.28 4.57
C SER A 7 3.21 -5.23 5.13
N SER A 8 4.25 -4.83 4.39
CA SER A 8 5.19 -3.75 4.74
C SER A 8 5.80 -3.07 3.51
N ASN A 9 6.55 -1.97 3.70
CA ASN A 9 7.17 -1.16 2.62
C ASN A 9 7.86 -1.95 1.50
N SER A 10 8.56 -3.02 1.87
CA SER A 10 9.39 -3.83 0.96
C SER A 10 8.60 -4.64 -0.07
N ASP A 11 7.29 -4.75 0.12
CA ASP A 11 6.34 -5.38 -0.80
C ASP A 11 5.96 -4.47 -2.00
N CYS A 12 6.34 -3.19 -1.94
CA CYS A 12 5.97 -2.16 -2.92
C CYS A 12 7.20 -1.37 -3.42
N ILE A 13 8.33 -1.50 -2.72
CA ILE A 13 9.63 -0.94 -3.05
C ILE A 13 10.15 -1.53 -4.38
N GLY A 14 10.93 -0.75 -5.12
CA GLY A 14 11.63 -1.15 -6.33
C GLY A 14 10.77 -1.44 -7.57
N ILE A 15 9.62 -2.11 -7.42
CA ILE A 15 8.73 -2.52 -8.52
C ILE A 15 8.15 -1.31 -9.26
N THR A 16 8.02 -0.21 -8.54
CA THR A 16 7.65 1.15 -8.87
C THR A 16 8.14 1.99 -7.67
N LEU A 17 8.14 3.32 -7.75
CA LEU A 17 8.48 4.21 -6.62
C LEU A 17 7.44 4.17 -5.47
N CYS A 18 6.44 3.28 -5.52
CA CYS A 18 5.28 3.12 -4.64
C CYS A 18 5.62 2.47 -3.27
N GLN A 19 6.81 2.74 -2.73
CA GLN A 19 7.39 2.17 -1.50
C GLN A 19 6.56 2.29 -0.21
N PHE A 20 5.45 3.03 -0.22
CA PHE A 20 4.66 3.35 0.94
C PHE A 20 3.47 2.42 1.18
N CYS A 21 3.77 1.21 1.67
CA CYS A 21 2.75 0.25 2.11
C CYS A 21 2.03 0.88 3.31
N LYS A 22 0.78 1.31 3.12
CA LYS A 22 -0.01 2.07 4.10
C LYS A 22 -1.29 1.41 4.57
N GLU A 23 -1.56 1.59 5.86
CA GLU A 23 -2.78 1.16 6.51
C GLU A 23 -3.78 2.32 6.43
N LYS A 24 -4.82 2.15 5.60
CA LYS A 24 -5.95 3.06 5.44
C LYS A 24 -7.23 2.26 5.25
N THR A 25 -8.34 2.95 5.07
CA THR A 25 -9.63 2.31 4.81
C THR A 25 -10.35 2.95 3.63
N ASP A 26 -11.39 2.24 3.24
CA ASP A 26 -12.40 2.56 2.25
C ASP A 26 -13.40 3.59 2.84
N GLN A 27 -14.67 3.52 2.41
CA GLN A 27 -15.78 4.33 2.95
C GLN A 27 -16.56 3.66 4.10
N TYR A 28 -16.34 2.38 4.34
CA TYR A 28 -17.04 1.52 5.30
C TYR A 28 -16.35 1.49 6.66
N GLY A 29 -15.02 1.64 6.67
CA GLY A 29 -14.17 1.54 7.86
C GLY A 29 -13.31 0.26 7.89
N LEU A 30 -13.27 -0.50 6.80
CA LEU A 30 -12.43 -1.67 6.62
C LEU A 30 -11.00 -1.22 6.43
N THR A 31 -10.24 -1.30 7.49
CA THR A 31 -8.84 -0.97 7.42
C THR A 31 -8.06 -2.14 6.84
N TYR A 32 -7.31 -1.83 5.79
CA TYR A 32 -6.49 -2.74 5.02
C TYR A 32 -5.08 -2.14 4.81
N ARG A 33 -4.11 -2.96 4.41
CA ARG A 33 -2.74 -2.53 4.07
C ARG A 33 -2.57 -2.58 2.55
N THR A 34 -2.28 -1.42 1.97
CA THR A 34 -2.21 -1.20 0.51
C THR A 34 -0.98 -0.41 0.08
N CYS A 35 -0.42 -0.75 -1.07
CA CYS A 35 0.69 0.01 -1.67
C CYS A 35 0.20 1.40 -2.12
N ASN A 36 0.45 2.43 -1.32
CA ASN A 36 0.12 3.81 -1.69
C ASN A 36 1.33 4.46 -2.39
N LEU A 37 1.09 5.51 -3.18
CA LEU A 37 2.13 6.30 -3.81
C LEU A 37 2.99 7.08 -2.81
N LEU A 38 2.49 7.32 -1.60
CA LEU A 38 3.10 8.15 -0.53
C LEU A 38 2.80 7.66 0.90
N PRO A 39 3.58 8.10 1.91
CA PRO A 39 3.34 7.76 3.32
C PRO A 39 2.18 8.58 3.92
N LEU A 1 -0.50 -0.38 -13.03
CA LEU A 1 0.39 -1.41 -12.44
C LEU A 1 0.36 -1.47 -10.91
N CYS A 2 0.35 -0.32 -10.24
CA CYS A 2 0.25 -0.19 -8.78
C CYS A 2 -1.12 -0.70 -8.25
N ASN A 3 -1.19 -1.97 -7.83
CA ASN A 3 -2.37 -2.60 -7.20
C ASN A 3 -1.97 -3.65 -6.12
N GLU A 4 -2.97 -4.32 -5.52
CA GLU A 4 -2.88 -5.33 -4.44
C GLU A 4 -2.41 -4.79 -3.05
N PRO A 5 -2.54 -5.59 -1.95
CA PRO A 5 -2.14 -5.21 -0.60
C PRO A 5 -0.69 -5.60 -0.25
N CYS A 6 -0.19 -5.18 0.92
CA CYS A 6 1.17 -5.45 1.43
C CYS A 6 1.23 -5.71 2.94
N SER A 7 2.34 -6.31 3.42
CA SER A 7 2.66 -6.54 4.83
C SER A 7 3.51 -5.38 5.41
N SER A 8 4.45 -4.84 4.63
CA SER A 8 5.32 -3.70 4.98
C SER A 8 5.64 -2.80 3.76
N ASN A 9 6.43 -1.73 3.93
CA ASN A 9 6.79 -0.79 2.86
C ASN A 9 7.59 -1.39 1.71
N SER A 10 8.49 -2.32 2.03
CA SER A 10 9.47 -2.97 1.15
C SER A 10 8.88 -3.87 0.07
N ASP A 11 7.66 -4.29 0.30
CA ASP A 11 6.82 -5.22 -0.44
C ASP A 11 6.37 -4.71 -1.82
N CYS A 12 6.45 -3.40 -2.08
CA CYS A 12 5.93 -2.76 -3.29
C CYS A 12 7.00 -1.94 -4.03
N ILE A 13 8.24 -1.96 -3.51
CA ILE A 13 9.37 -1.19 -3.94
C ILE A 13 10.00 -1.72 -5.23
N GLY A 14 10.23 -0.82 -6.18
CA GLY A 14 10.93 -1.12 -7.43
C GLY A 14 10.04 -1.79 -8.48
N ILE A 15 9.11 -2.66 -8.06
CA ILE A 15 8.11 -3.30 -8.92
C ILE A 15 7.23 -2.23 -9.59
N THR A 16 7.08 -1.10 -8.90
CA THR A 16 6.43 0.13 -9.27
C THR A 16 6.96 1.21 -8.31
N LEU A 17 6.81 2.50 -8.65
CA LEU A 17 7.14 3.67 -7.82
C LEU A 17 6.17 3.88 -6.63
N CYS A 18 5.73 2.82 -5.94
CA CYS A 18 4.74 2.89 -4.87
C CYS A 18 5.25 2.21 -3.58
N GLN A 19 6.07 2.89 -2.78
CA GLN A 19 6.59 2.39 -1.50
C GLN A 19 5.66 2.71 -0.30
N PHE A 20 6.23 3.11 0.84
CA PHE A 20 5.59 3.58 2.07
C PHE A 20 4.18 3.06 2.37
N CYS A 21 4.05 1.73 2.45
CA CYS A 21 2.76 1.06 2.65
C CYS A 21 1.96 1.67 3.82
N LYS A 22 0.68 1.95 3.57
CA LYS A 22 -0.24 2.63 4.48
C LYS A 22 -1.45 1.83 4.89
N GLU A 23 -1.93 2.21 6.08
CA GLU A 23 -3.17 1.72 6.66
C GLU A 23 -4.26 2.77 6.39
N LYS A 24 -5.09 2.46 5.40
CA LYS A 24 -6.20 3.27 4.89
C LYS A 24 -7.45 2.43 4.83
N THR A 25 -8.57 3.05 4.52
CA THR A 25 -9.81 2.33 4.31
C THR A 25 -10.60 2.85 3.13
N ASP A 26 -11.57 2.03 2.75
CA ASP A 26 -12.57 2.26 1.75
C ASP A 26 -13.75 2.96 2.46
N GLN A 27 -14.81 3.18 1.70
CA GLN A 27 -16.07 3.79 2.13
C GLN A 27 -16.85 2.97 3.17
N TYR A 28 -16.37 1.76 3.45
CA TYR A 28 -16.95 0.75 4.32
C TYR A 28 -16.37 0.82 5.75
N GLY A 29 -15.18 1.41 5.93
CA GLY A 29 -14.48 1.48 7.23
C GLY A 29 -13.55 0.29 7.53
N LEU A 30 -13.34 -0.60 6.56
CA LEU A 30 -12.40 -1.74 6.60
C LEU A 30 -11.00 -1.20 6.45
N THR A 31 -10.25 -1.17 7.51
CA THR A 31 -8.87 -0.77 7.41
C THR A 31 -8.03 -1.88 6.81
N TYR A 32 -7.28 -1.55 5.77
CA TYR A 32 -6.42 -2.45 5.05
C TYR A 32 -5.05 -1.83 4.78
N ARG A 33 -4.04 -2.67 4.58
CA ARG A 33 -2.64 -2.31 4.35
C ARG A 33 -2.33 -2.40 2.86
N THR A 34 -2.06 -1.25 2.26
CA THR A 34 -1.87 -1.09 0.80
C THR A 34 -0.66 -0.23 0.45
N CYS A 35 -0.14 -0.39 -0.77
CA CYS A 35 0.96 0.44 -1.27
C CYS A 35 0.53 1.92 -1.33
N ASN A 36 1.43 2.85 -1.02
CA ASN A 36 1.20 4.30 -1.16
C ASN A 36 2.39 4.90 -1.90
N LEU A 37 2.37 6.21 -2.16
CA LEU A 37 3.47 6.92 -2.75
C LEU A 37 4.43 7.50 -1.68
N LEU A 38 3.96 7.76 -0.45
CA LEU A 38 4.71 8.45 0.63
C LEU A 38 4.44 8.04 2.11
N PRO A 39 5.35 8.40 3.04
CA PRO A 39 5.19 8.20 4.48
C PRO A 39 4.40 9.36 5.14
N LEU A 1 -1.90 0.37 -10.86
CA LEU A 1 -0.46 0.00 -10.83
C LEU A 1 -0.15 -0.55 -9.45
N CYS A 2 0.21 0.29 -8.48
CA CYS A 2 0.42 -0.15 -7.11
C CYS A 2 -0.95 -0.44 -6.46
N ASN A 3 -1.28 -1.72 -6.44
CA ASN A 3 -2.52 -2.33 -6.01
C ASN A 3 -2.20 -3.50 -5.05
N GLU A 4 -3.22 -4.29 -4.66
CA GLU A 4 -3.17 -5.39 -3.67
C GLU A 4 -2.77 -4.92 -2.25
N PRO A 5 -3.02 -5.74 -1.21
CA PRO A 5 -2.55 -5.44 0.14
C PRO A 5 -1.06 -5.81 0.25
N CYS A 6 -0.36 -5.24 1.24
CA CYS A 6 1.07 -5.55 1.50
C CYS A 6 1.37 -5.96 2.94
N SER A 7 2.38 -6.83 3.09
CA SER A 7 2.93 -7.28 4.37
C SER A 7 3.67 -6.15 5.08
N SER A 8 4.73 -5.63 4.45
CA SER A 8 5.69 -4.61 4.93
C SER A 8 6.17 -3.76 3.74
N ASN A 9 6.77 -2.58 3.97
CA ASN A 9 7.18 -1.62 2.91
C ASN A 9 7.88 -2.24 1.68
N SER A 10 8.76 -3.22 1.86
CA SER A 10 9.52 -3.86 0.77
C SER A 10 8.67 -4.72 -0.19
N ASP A 11 7.45 -5.12 0.20
CA ASP A 11 6.47 -5.86 -0.62
C ASP A 11 5.92 -5.04 -1.81
N CYS A 12 6.44 -3.84 -2.05
CA CYS A 12 5.98 -2.87 -3.05
C CYS A 12 7.14 -2.13 -3.74
N ILE A 13 8.38 -2.40 -3.32
CA ILE A 13 9.58 -1.72 -3.76
C ILE A 13 10.01 -2.25 -5.15
N GLY A 14 10.67 -1.40 -5.93
CA GLY A 14 11.26 -1.73 -7.24
C GLY A 14 10.27 -1.82 -8.39
N ILE A 15 9.05 -2.36 -8.16
CA ILE A 15 7.98 -2.44 -9.18
C ILE A 15 7.60 -1.04 -9.65
N THR A 16 7.66 -0.09 -8.71
CA THR A 16 7.52 1.36 -8.83
C THR A 16 8.09 1.91 -7.50
N LEU A 17 8.24 3.23 -7.39
CA LEU A 17 8.71 3.94 -6.20
C LEU A 17 7.70 3.92 -5.03
N CYS A 18 6.74 3.01 -5.01
CA CYS A 18 5.63 2.91 -4.06
C CYS A 18 5.97 2.11 -2.80
N GLN A 19 7.13 2.42 -2.22
CA GLN A 19 7.70 1.85 -0.99
C GLN A 19 6.91 2.17 0.30
N PHE A 20 5.70 2.70 0.21
CA PHE A 20 4.89 3.19 1.33
C PHE A 20 3.67 2.30 1.59
N CYS A 21 3.82 1.27 2.42
CA CYS A 21 2.74 0.38 2.89
C CYS A 21 1.82 1.07 3.92
N LYS A 22 1.21 2.19 3.52
CA LYS A 22 0.40 3.01 4.42
C LYS A 22 -0.96 2.36 4.69
N GLU A 23 -1.39 2.43 5.95
CA GLU A 23 -2.70 1.94 6.41
C GLU A 23 -3.77 3.03 6.26
N LYS A 24 -4.83 2.69 5.51
CA LYS A 24 -6.02 3.50 5.27
C LYS A 24 -7.23 2.58 5.08
N THR A 25 -8.40 3.19 4.95
CA THR A 25 -9.62 2.48 4.66
C THR A 25 -10.27 2.97 3.38
N ASP A 26 -11.18 2.12 2.93
CA ASP A 26 -12.08 2.29 1.81
C ASP A 26 -13.32 3.03 2.36
N GLN A 27 -14.34 3.19 1.53
CA GLN A 27 -15.57 3.90 1.90
C GLN A 27 -16.50 3.15 2.88
N TYR A 28 -16.13 1.94 3.31
CA TYR A 28 -16.91 1.09 4.20
C TYR A 28 -16.40 1.15 5.65
N GLY A 29 -15.15 1.58 5.84
CA GLY A 29 -14.47 1.58 7.15
C GLY A 29 -13.58 0.36 7.40
N LEU A 30 -13.21 -0.38 6.35
CA LEU A 30 -12.27 -1.49 6.38
C LEU A 30 -10.88 -0.92 6.21
N THR A 31 -10.12 -0.93 7.29
CA THR A 31 -8.74 -0.51 7.25
C THR A 31 -7.90 -1.66 6.71
N TYR A 32 -6.94 -1.34 5.84
CA TYR A 32 -6.03 -2.26 5.20
C TYR A 32 -4.65 -1.60 4.94
N ARG A 33 -3.59 -2.40 4.78
CA ARG A 33 -2.23 -1.96 4.41
C ARG A 33 -2.09 -2.11 2.91
N THR A 34 -1.80 -1.03 2.19
CA THR A 34 -1.72 -1.04 0.71
C THR A 34 -0.44 -0.38 0.23
N CYS A 35 0.05 -0.79 -0.94
CA CYS A 35 1.19 -0.19 -1.62
C CYS A 35 0.84 1.22 -2.11
N ASN A 36 0.83 2.21 -1.21
CA ASN A 36 0.53 3.57 -1.60
C ASN A 36 1.72 4.18 -2.33
N LEU A 37 1.46 5.02 -3.33
CA LEU A 37 2.52 5.71 -4.05
C LEU A 37 3.33 6.67 -3.17
N LEU A 38 2.74 7.23 -2.10
CA LEU A 38 3.32 8.16 -1.11
C LEU A 38 3.10 7.68 0.34
N PRO A 39 3.92 8.14 1.30
CA PRO A 39 3.76 7.87 2.73
C PRO A 39 2.63 8.71 3.35
N LEU A 1 -2.34 2.07 -9.63
CA LEU A 1 -0.95 1.95 -10.14
C LEU A 1 -0.24 0.74 -9.52
N CYS A 2 0.17 0.83 -8.24
CA CYS A 2 0.76 -0.31 -7.50
C CYS A 2 -0.32 -1.40 -7.26
N ASN A 3 0.07 -2.60 -6.80
CA ASN A 3 -0.85 -3.74 -6.63
C ASN A 3 -0.62 -4.51 -5.32
N GLU A 4 -1.61 -5.35 -4.96
CA GLU A 4 -1.64 -6.30 -3.82
C GLU A 4 -1.53 -5.66 -2.40
N PRO A 5 -1.93 -6.40 -1.34
CA PRO A 5 -1.80 -5.92 0.05
C PRO A 5 -0.36 -6.08 0.56
N CYS A 6 0.09 -5.16 1.42
CA CYS A 6 1.48 -5.13 1.89
C CYS A 6 1.68 -5.41 3.39
N SER A 7 2.90 -5.80 3.73
CA SER A 7 3.40 -6.13 5.08
C SER A 7 4.51 -5.20 5.60
N SER A 8 5.26 -4.54 4.69
CA SER A 8 6.33 -3.58 4.97
C SER A 8 6.70 -2.84 3.66
N ASN A 9 7.62 -1.85 3.73
CA ASN A 9 8.09 -1.09 2.55
C ASN A 9 8.54 -1.97 1.37
N SER A 10 9.49 -2.87 1.62
CA SER A 10 10.17 -3.75 0.66
C SER A 10 9.27 -4.72 -0.12
N ASP A 11 8.03 -4.90 0.33
CA ASP A 11 7.01 -5.81 -0.25
C ASP A 11 6.48 -5.35 -1.64
N CYS A 12 6.83 -4.14 -2.11
CA CYS A 12 6.27 -3.57 -3.35
C CYS A 12 7.29 -2.85 -4.23
N ILE A 13 8.50 -2.66 -3.72
CA ILE A 13 9.61 -1.96 -4.32
C ILE A 13 10.04 -2.66 -5.60
N GLY A 14 10.07 -1.90 -6.69
CA GLY A 14 10.57 -2.35 -8.00
C GLY A 14 9.54 -2.48 -9.11
N ILE A 15 8.31 -2.99 -8.85
CA ILE A 15 7.24 -3.07 -9.86
C ILE A 15 6.81 -1.69 -10.34
N THR A 16 7.06 -0.70 -9.48
CA THR A 16 6.95 0.74 -9.56
C THR A 16 7.77 1.24 -8.35
N LEU A 17 8.05 2.54 -8.25
CA LEU A 17 8.71 3.17 -7.09
C LEU A 17 7.79 3.19 -5.82
N CYS A 18 6.78 2.33 -5.76
CA CYS A 18 5.75 2.25 -4.72
C CYS A 18 6.23 1.51 -3.45
N GLN A 19 7.03 2.20 -2.65
CA GLN A 19 7.63 1.69 -1.41
C GLN A 19 6.90 2.12 -0.12
N PHE A 20 5.76 2.80 -0.24
CA PHE A 20 5.03 3.39 0.88
C PHE A 20 3.83 2.54 1.31
N CYS A 21 4.16 1.46 1.99
CA CYS A 21 3.18 0.57 2.62
C CYS A 21 2.48 1.31 3.77
N LYS A 22 1.26 1.80 3.54
CA LYS A 22 0.48 2.65 4.47
C LYS A 22 -0.92 2.07 4.73
N GLU A 23 -1.45 2.27 5.95
CA GLU A 23 -2.81 1.85 6.31
C GLU A 23 -3.85 2.94 6.03
N LYS A 24 -4.85 2.58 5.22
CA LYS A 24 -6.00 3.38 4.80
C LYS A 24 -7.23 2.51 4.70
N THR A 25 -8.38 3.11 4.41
CA THR A 25 -9.63 2.37 4.22
C THR A 25 -10.33 2.73 2.93
N ASP A 26 -11.33 1.92 2.64
CA ASP A 26 -12.28 2.05 1.55
C ASP A 26 -13.40 3.01 2.01
N GLN A 27 -14.50 3.02 1.26
CA GLN A 27 -15.68 3.84 1.60
C GLN A 27 -16.58 3.26 2.71
N TYR A 28 -16.30 2.06 3.19
CA TYR A 28 -17.07 1.34 4.20
C TYR A 28 -16.47 1.50 5.60
N GLY A 29 -15.19 1.84 5.68
CA GLY A 29 -14.44 1.94 6.93
C GLY A 29 -13.56 0.70 7.21
N LEU A 30 -13.40 -0.20 6.23
CA LEU A 30 -12.51 -1.36 6.32
C LEU A 30 -11.09 -0.90 6.08
N THR A 31 -10.34 -0.86 7.14
CA THR A 31 -8.96 -0.47 7.11
C THR A 31 -8.07 -1.64 6.66
N TYR A 32 -7.13 -1.36 5.76
CA TYR A 32 -6.23 -2.32 5.14
C TYR A 32 -4.85 -1.69 4.86
N ARG A 33 -3.81 -2.54 4.71
CA ARG A 33 -2.42 -2.16 4.42
C ARG A 33 -2.14 -2.22 2.93
N THR A 34 -1.81 -1.07 2.35
CA THR A 34 -1.63 -0.91 0.90
C THR A 34 -0.44 -0.07 0.51
N CYS A 35 0.18 -0.41 -0.62
CA CYS A 35 1.34 0.32 -1.16
C CYS A 35 0.90 1.59 -1.90
N ASN A 36 0.72 2.65 -1.11
CA ASN A 36 0.40 4.00 -1.55
C ASN A 36 1.63 4.65 -2.24
N LEU A 37 1.41 5.84 -2.82
CA LEU A 37 2.48 6.65 -3.39
C LEU A 37 3.30 7.38 -2.31
N LEU A 38 2.75 7.49 -1.07
CA LEU A 38 3.31 8.25 0.05
C LEU A 38 3.03 7.61 1.44
N PRO A 39 3.71 8.06 2.52
CA PRO A 39 3.63 7.41 3.85
C PRO A 39 2.35 7.63 4.67
N LEU A 1 2.63 -4.94 -9.63
CA LEU A 1 2.74 -3.51 -10.06
C LEU A 1 1.90 -2.68 -9.09
N CYS A 2 2.22 -1.39 -8.85
CA CYS A 2 1.50 -0.48 -7.94
C CYS A 2 0.03 -0.17 -8.33
N ASN A 3 -0.83 -1.19 -8.27
CA ASN A 3 -2.28 -1.20 -8.49
C ASN A 3 -2.94 -2.33 -7.66
N GLU A 4 -2.22 -2.91 -6.68
CA GLU A 4 -2.62 -4.04 -5.84
C GLU A 4 -2.19 -3.79 -4.35
N PRO A 5 -2.74 -4.53 -3.35
CA PRO A 5 -2.47 -4.28 -1.91
C PRO A 5 -1.21 -4.98 -1.35
N CYS A 6 -0.89 -4.72 -0.07
CA CYS A 6 0.32 -5.17 0.64
C CYS A 6 0.08 -5.35 2.17
N SER A 7 1.15 -5.61 2.95
CA SER A 7 1.18 -5.70 4.41
C SER A 7 2.20 -4.73 5.04
N SER A 8 3.38 -4.55 4.42
CA SER A 8 4.47 -3.64 4.84
C SER A 8 5.16 -2.94 3.66
N ASN A 9 6.21 -2.14 3.91
CA ASN A 9 6.91 -1.36 2.88
C ASN A 9 7.58 -2.21 1.78
N SER A 10 8.31 -3.25 2.17
CA SER A 10 9.13 -4.08 1.29
C SER A 10 8.37 -4.90 0.25
N ASP A 11 7.08 -5.09 0.52
CA ASP A 11 6.07 -5.79 -0.26
C ASP A 11 5.77 -5.17 -1.63
N CYS A 12 6.12 -3.88 -1.82
CA CYS A 12 5.79 -3.11 -3.04
C CYS A 12 6.96 -2.24 -3.53
N ILE A 13 8.10 -2.36 -2.86
CA ILE A 13 9.38 -1.74 -3.18
C ILE A 13 9.95 -2.38 -4.45
N GLY A 14 10.71 -1.59 -5.21
CA GLY A 14 11.46 -2.02 -6.40
C GLY A 14 10.60 -2.34 -7.64
N ILE A 15 9.52 -3.10 -7.47
CA ILE A 15 8.54 -3.47 -8.50
C ILE A 15 7.84 -2.26 -9.10
N THR A 16 7.83 -1.17 -8.33
CA THR A 16 7.38 0.17 -8.61
C THR A 16 7.93 1.10 -7.51
N LEU A 17 7.99 2.41 -7.75
CA LEU A 17 8.37 3.45 -6.78
C LEU A 17 7.23 3.75 -5.75
N CYS A 18 6.71 2.72 -5.08
CA CYS A 18 5.56 2.79 -4.16
C CYS A 18 5.89 2.15 -2.81
N GLN A 19 7.01 2.57 -2.22
CA GLN A 19 7.51 2.04 -0.94
C GLN A 19 6.56 2.30 0.24
N PHE A 20 5.71 3.33 0.12
CA PHE A 20 4.81 3.79 1.17
C PHE A 20 3.49 3.02 1.17
N CYS A 21 3.56 1.76 1.60
CA CYS A 21 2.41 0.87 1.81
C CYS A 21 1.56 1.37 2.98
N LYS A 22 0.66 2.31 2.67
CA LYS A 22 -0.18 3.06 3.60
C LYS A 22 -1.45 2.37 4.04
N GLU A 23 -1.67 2.38 5.36
CA GLU A 23 -2.89 1.85 5.96
C GLU A 23 -4.03 2.88 6.04
N LYS A 24 -5.09 2.62 5.28
CA LYS A 24 -6.37 3.32 5.25
C LYS A 24 -7.47 2.27 5.28
N THR A 25 -8.71 2.70 5.23
CA THR A 25 -9.82 1.78 5.36
C THR A 25 -10.96 2.13 4.43
N ASP A 26 -11.77 1.13 4.15
CA ASP A 26 -12.85 1.26 3.22
C ASP A 26 -13.97 2.09 3.84
N GLN A 27 -14.98 2.44 3.05
CA GLN A 27 -16.16 3.15 3.55
C GLN A 27 -16.94 2.36 4.62
N TYR A 28 -16.61 1.07 4.73
CA TYR A 28 -17.16 0.05 5.61
C TYR A 28 -16.44 -0.01 6.97
N GLY A 29 -15.19 0.47 7.01
CA GLY A 29 -14.29 0.42 8.16
C GLY A 29 -13.32 -0.78 8.14
N LEU A 30 -13.15 -1.43 6.98
CA LEU A 30 -12.18 -2.51 6.77
C LEU A 30 -10.85 -1.90 6.42
N THR A 31 -9.89 -2.03 7.29
CA THR A 31 -8.57 -1.44 7.17
C THR A 31 -7.64 -2.34 6.36
N TYR A 32 -6.80 -1.74 5.51
CA TYR A 32 -5.86 -2.41 4.63
C TYR A 32 -4.67 -1.50 4.24
N ARG A 33 -3.55 -2.11 3.85
CA ARG A 33 -2.36 -1.41 3.34
C ARG A 33 -2.37 -1.47 1.82
N THR A 34 -2.20 -0.29 1.23
CA THR A 34 -2.18 -0.08 -0.22
C THR A 34 -0.97 0.74 -0.61
N CYS A 35 -0.31 0.35 -1.70
CA CYS A 35 0.94 0.95 -2.15
C CYS A 35 0.77 2.40 -2.61
N ASN A 36 1.04 3.40 -1.74
CA ASN A 36 1.03 4.80 -2.16
C ASN A 36 2.44 5.21 -2.63
N LEU A 37 2.50 6.28 -3.42
CA LEU A 37 3.72 6.91 -3.88
C LEU A 37 4.47 7.60 -2.72
N LEU A 38 3.75 7.98 -1.66
CA LEU A 38 4.22 8.76 -0.49
C LEU A 38 3.59 8.36 0.86
N PRO A 39 4.15 8.81 2.00
CA PRO A 39 3.53 8.56 3.30
C PRO A 39 2.33 9.47 3.59
N LEU A 1 -0.69 -1.66 -11.32
CA LEU A 1 0.50 -1.56 -10.46
C LEU A 1 0.16 -0.88 -9.14
N CYS A 2 0.83 -1.29 -8.05
CA CYS A 2 0.67 -0.92 -6.64
C CYS A 2 -0.75 -1.04 -6.01
N ASN A 3 -1.78 -1.34 -6.81
CA ASN A 3 -3.17 -1.60 -6.43
C ASN A 3 -3.38 -2.94 -5.68
N GLU A 4 -2.34 -3.48 -5.02
CA GLU A 4 -2.31 -4.79 -4.37
C GLU A 4 -2.01 -4.69 -2.84
N PRO A 5 -2.31 -5.76 -2.06
CA PRO A 5 -2.14 -5.73 -0.61
C PRO A 5 -0.68 -6.00 -0.20
N CYS A 6 -0.22 -5.36 0.88
CA CYS A 6 1.18 -5.43 1.34
C CYS A 6 1.36 -5.78 2.83
N SER A 7 2.46 -6.47 3.16
CA SER A 7 2.83 -6.79 4.55
C SER A 7 3.73 -5.72 5.19
N SER A 8 4.60 -5.10 4.40
CA SER A 8 5.56 -4.04 4.76
C SER A 8 5.79 -3.07 3.60
N ASN A 9 6.67 -2.08 3.79
CA ASN A 9 7.10 -1.16 2.74
C ASN A 9 7.86 -1.86 1.60
N SER A 10 8.57 -2.92 1.92
CA SER A 10 9.47 -3.64 1.01
C SER A 10 8.78 -4.50 -0.06
N ASP A 11 7.53 -4.86 0.18
CA ASP A 11 6.64 -5.62 -0.70
C ASP A 11 6.37 -4.98 -2.08
N CYS A 12 6.69 -3.69 -2.27
CA CYS A 12 6.38 -2.91 -3.47
C CYS A 12 7.51 -1.97 -3.91
N ILE A 13 8.68 -2.08 -3.27
CA ILE A 13 9.91 -1.38 -3.58
C ILE A 13 10.54 -2.01 -4.83
N GLY A 14 11.27 -1.22 -5.62
CA GLY A 14 12.05 -1.65 -6.78
C GLY A 14 11.26 -2.11 -8.01
N ILE A 15 10.09 -2.74 -7.81
CA ILE A 15 9.15 -3.13 -8.88
C ILE A 15 8.49 -1.87 -9.45
N THR A 16 8.22 -0.92 -8.56
CA THR A 16 7.72 0.44 -8.72
C THR A 16 8.30 1.26 -7.56
N LEU A 17 8.21 2.60 -7.59
CA LEU A 17 8.61 3.52 -6.51
C LEU A 17 7.65 3.53 -5.29
N CYS A 18 6.73 2.55 -5.16
CA CYS A 18 5.67 2.48 -4.15
C CYS A 18 6.14 1.93 -2.79
N GLN A 19 7.19 2.55 -2.25
CA GLN A 19 7.79 2.20 -0.95
C GLN A 19 6.92 2.53 0.29
N PHE A 20 5.67 2.95 0.10
CA PHE A 20 4.80 3.42 1.17
C PHE A 20 3.52 2.57 1.37
N CYS A 21 3.70 1.39 1.98
CA CYS A 21 2.63 0.47 2.38
C CYS A 21 1.78 1.07 3.52
N LYS A 22 0.68 1.75 3.17
CA LYS A 22 -0.23 2.47 4.05
C LYS A 22 -1.50 1.71 4.41
N GLU A 23 -1.82 1.63 5.70
CA GLU A 23 -3.10 1.06 6.14
C GLU A 23 -4.12 2.20 6.04
N LYS A 24 -4.95 2.14 5.01
CA LYS A 24 -6.08 3.04 4.74
C LYS A 24 -7.36 2.22 4.87
N THR A 25 -8.50 2.87 4.75
CA THR A 25 -9.76 2.19 4.98
C THR A 25 -10.82 2.70 4.05
N ASP A 26 -11.80 1.85 3.81
CA ASP A 26 -12.84 2.11 2.87
C ASP A 26 -13.91 3.01 3.49
N GLN A 27 -14.86 3.41 2.67
CA GLN A 27 -15.99 4.27 3.06
C GLN A 27 -16.95 3.65 4.10
N TYR A 28 -16.67 2.41 4.46
CA TYR A 28 -17.37 1.55 5.41
C TYR A 28 -16.57 1.35 6.71
N GLY A 29 -15.30 1.78 6.72
CA GLY A 29 -14.34 1.58 7.82
C GLY A 29 -13.59 0.25 7.75
N LEU A 30 -13.62 -0.42 6.58
CA LEU A 30 -12.86 -1.65 6.28
C LEU A 30 -11.43 -1.25 6.02
N THR A 31 -10.56 -1.52 6.94
CA THR A 31 -9.16 -1.15 6.94
C THR A 31 -8.30 -2.22 6.26
N TYR A 32 -7.31 -1.77 5.49
CA TYR A 32 -6.40 -2.59 4.68
C TYR A 32 -5.09 -1.86 4.31
N ARG A 33 -4.00 -2.62 4.25
CA ARG A 33 -2.64 -2.21 3.84
C ARG A 33 -2.42 -2.39 2.35
N THR A 34 -2.18 -1.27 1.68
CA THR A 34 -1.99 -1.16 0.22
C THR A 34 -0.82 -0.26 -0.11
N CYS A 35 -0.19 -0.50 -1.27
CA CYS A 35 1.01 0.21 -1.69
C CYS A 35 0.70 1.62 -2.22
N ASN A 36 0.46 2.56 -1.31
CA ASN A 36 0.25 3.97 -1.67
C ASN A 36 1.54 4.54 -2.31
N LEU A 37 1.37 5.52 -3.20
CA LEU A 37 2.48 6.23 -3.83
C LEU A 37 3.28 7.11 -2.85
N LEU A 38 2.75 7.37 -1.66
CA LEU A 38 3.30 8.24 -0.61
C LEU A 38 3.02 7.73 0.82
N PRO A 39 3.77 8.19 1.84
CA PRO A 39 3.60 7.78 3.23
C PRO A 39 2.38 8.46 3.91
N LEU A 1 -0.59 3.37 -9.73
CA LEU A 1 -0.10 2.27 -10.59
C LEU A 1 -0.14 0.91 -9.87
N CYS A 2 0.77 0.64 -8.92
CA CYS A 2 0.95 -0.65 -8.23
C CYS A 2 -0.20 -1.03 -7.25
N ASN A 3 -1.46 -0.99 -7.69
CA ASN A 3 -2.65 -1.22 -6.87
C ASN A 3 -2.83 -2.70 -6.45
N GLU A 4 -2.04 -3.17 -5.48
CA GLU A 4 -2.13 -4.49 -4.85
C GLU A 4 -1.96 -4.40 -3.30
N PRO A 5 -2.41 -5.41 -2.54
CA PRO A 5 -2.28 -5.43 -1.08
C PRO A 5 -0.87 -5.84 -0.61
N CYS A 6 -0.50 -5.43 0.60
CA CYS A 6 0.85 -5.63 1.14
C CYS A 6 0.92 -6.11 2.61
N SER A 7 2.13 -6.50 3.01
CA SER A 7 2.54 -6.89 4.36
C SER A 7 3.17 -5.68 5.13
N SER A 8 4.14 -4.99 4.51
CA SER A 8 4.84 -3.79 5.03
C SER A 8 5.60 -3.06 3.91
N ASN A 9 6.33 -1.98 4.22
CA ASN A 9 7.13 -1.14 3.29
C ASN A 9 8.38 -1.87 2.74
N SER A 10 8.14 -2.95 2.02
CA SER A 10 9.08 -3.85 1.34
C SER A 10 8.33 -4.72 0.34
N ASP A 11 7.10 -5.11 0.70
CA ASP A 11 6.14 -5.85 -0.14
C ASP A 11 5.56 -4.99 -1.30
N CYS A 12 6.15 -3.82 -1.54
CA CYS A 12 5.79 -2.81 -2.55
C CYS A 12 7.05 -2.16 -3.17
N ILE A 13 8.25 -2.56 -2.75
CA ILE A 13 9.52 -2.04 -3.20
C ILE A 13 9.94 -2.79 -4.49
N GLY A 14 10.65 -2.11 -5.38
CA GLY A 14 11.21 -2.68 -6.61
C GLY A 14 10.17 -2.92 -7.72
N ILE A 15 9.00 -3.49 -7.39
CA ILE A 15 7.87 -3.76 -8.30
C ILE A 15 7.42 -2.50 -9.05
N THR A 16 7.62 -1.36 -8.40
CA THR A 16 7.47 0.02 -8.79
C THR A 16 8.19 0.82 -7.67
N LEU A 17 8.48 2.09 -7.91
CA LEU A 17 9.02 3.03 -6.93
C LEU A 17 7.90 3.44 -5.95
N CYS A 18 7.24 2.48 -5.28
CA CYS A 18 6.06 2.68 -4.44
C CYS A 18 6.22 2.05 -3.05
N GLN A 19 7.36 2.36 -2.42
CA GLN A 19 7.80 1.78 -1.14
C GLN A 19 6.74 1.90 -0.02
N PHE A 20 6.05 3.03 -0.02
CA PHE A 20 5.08 3.48 0.97
C PHE A 20 3.75 2.74 0.92
N CYS A 21 3.66 1.61 1.62
CA CYS A 21 2.42 0.86 1.76
C CYS A 21 1.48 1.54 2.77
N LYS A 22 0.51 2.31 2.28
CA LYS A 22 -0.48 3.02 3.08
C LYS A 22 -1.53 2.10 3.69
N GLU A 23 -1.62 2.19 5.01
CA GLU A 23 -2.67 1.51 5.77
C GLU A 23 -3.85 2.49 5.78
N LYS A 24 -4.87 2.16 4.99
CA LYS A 24 -6.04 2.99 4.74
C LYS A 24 -7.29 2.14 4.77
N THR A 25 -8.43 2.79 4.74
CA THR A 25 -9.70 2.08 4.66
C THR A 25 -10.53 2.44 3.45
N ASP A 26 -11.56 1.62 3.31
CA ASP A 26 -12.65 1.72 2.40
C ASP A 26 -13.70 2.63 3.06
N GLN A 27 -14.79 2.88 2.35
CA GLN A 27 -15.93 3.65 2.89
C GLN A 27 -16.62 2.97 4.09
N TYR A 28 -16.25 1.72 4.35
CA TYR A 28 -16.80 0.79 5.33
C TYR A 28 -16.13 0.84 6.71
N GLY A 29 -14.89 1.34 6.75
CA GLY A 29 -14.05 1.37 7.96
C GLY A 29 -13.06 0.19 8.08
N LEU A 30 -12.96 -0.66 7.04
CA LEU A 30 -12.01 -1.76 6.93
C LEU A 30 -10.66 -1.18 6.58
N THR A 31 -9.77 -1.17 7.52
CA THR A 31 -8.41 -0.75 7.30
C THR A 31 -7.60 -1.93 6.77
N TYR A 32 -6.98 -1.73 5.62
CA TYR A 32 -6.15 -2.65 4.87
C TYR A 32 -4.82 -1.99 4.46
N ARG A 33 -3.81 -2.81 4.12
CA ARG A 33 -2.49 -2.40 3.66
C ARG A 33 -2.39 -2.45 2.14
N THR A 34 -2.13 -1.30 1.53
CA THR A 34 -2.12 -1.11 0.07
C THR A 34 -1.00 -0.19 -0.39
N CYS A 35 -0.32 -0.56 -1.48
CA CYS A 35 0.84 0.17 -1.99
C CYS A 35 0.50 1.58 -2.52
N ASN A 36 1.07 2.65 -1.95
CA ASN A 36 0.94 4.05 -2.40
C ASN A 36 2.31 4.60 -2.86
N LEU A 37 2.30 5.74 -3.53
CA LEU A 37 3.50 6.47 -3.93
C LEU A 37 4.16 7.21 -2.74
N LEU A 38 3.43 7.44 -1.64
CA LEU A 38 3.83 8.22 -0.45
C LEU A 38 3.21 7.72 0.87
N PRO A 39 3.73 8.14 2.05
CA PRO A 39 3.21 7.76 3.36
C PRO A 39 1.92 8.53 3.74
N LEU A 1 1.62 -3.15 -10.39
CA LEU A 1 2.14 -1.77 -10.15
C LEU A 1 1.89 -1.41 -8.69
N CYS A 2 2.11 -0.16 -8.25
CA CYS A 2 1.75 0.25 -6.89
C CYS A 2 0.23 0.57 -6.87
N ASN A 3 -0.58 -0.45 -7.14
CA ASN A 3 -2.05 -0.43 -7.30
C ASN A 3 -2.75 -1.68 -6.71
N GLU A 4 -2.04 -2.45 -5.88
CA GLU A 4 -2.49 -3.70 -5.25
C GLU A 4 -2.17 -3.70 -3.73
N PRO A 5 -2.59 -4.71 -2.92
CA PRO A 5 -2.41 -4.69 -1.47
C PRO A 5 -0.96 -4.97 -1.05
N CYS A 6 -0.66 -4.77 0.23
CA CYS A 6 0.70 -5.00 0.79
C CYS A 6 0.68 -5.56 2.22
N SER A 7 1.85 -5.97 2.72
CA SER A 7 2.06 -6.42 4.10
C SER A 7 2.97 -5.47 4.89
N SER A 8 4.05 -5.01 4.26
CA SER A 8 5.04 -4.06 4.77
C SER A 8 5.62 -3.22 3.62
N ASN A 9 6.52 -2.28 3.92
CA ASN A 9 7.09 -1.33 2.94
C ASN A 9 7.75 -2.04 1.76
N SER A 10 8.63 -2.99 2.03
CA SER A 10 9.43 -3.68 1.00
C SER A 10 8.63 -4.66 0.13
N ASP A 11 7.33 -4.83 0.37
CA ASP A 11 6.43 -5.64 -0.45
C ASP A 11 6.11 -4.99 -1.82
N CYS A 12 6.55 -3.75 -2.06
CA CYS A 12 6.22 -2.95 -3.27
C CYS A 12 7.43 -2.20 -3.86
N ILE A 13 8.55 -2.21 -3.12
CA ILE A 13 9.83 -1.64 -3.46
C ILE A 13 10.40 -2.40 -4.67
N GLY A 14 11.11 -1.69 -5.54
CA GLY A 14 11.83 -2.24 -6.69
C GLY A 14 10.94 -2.65 -7.87
N ILE A 15 9.80 -3.31 -7.63
CA ILE A 15 8.79 -3.67 -8.65
C ILE A 15 8.17 -2.42 -9.29
N THR A 16 8.29 -1.30 -8.58
CA THR A 16 7.93 0.06 -8.92
C THR A 16 8.73 0.99 -7.98
N LEU A 17 8.85 2.26 -8.32
CA LEU A 17 9.45 3.34 -7.52
C LEU A 17 8.50 3.73 -6.35
N CYS A 18 8.08 2.75 -5.54
CA CYS A 18 7.08 2.92 -4.49
C CYS A 18 7.46 2.13 -3.23
N GLN A 19 7.26 2.70 -2.05
CA GLN A 19 7.64 2.14 -0.76
C GLN A 19 6.63 2.37 0.38
N PHE A 20 5.58 3.17 0.14
CA PHE A 20 4.64 3.60 1.18
C PHE A 20 3.42 2.67 1.38
N CYS A 21 3.70 1.45 1.86
CA CYS A 21 2.66 0.49 2.24
C CYS A 21 1.88 1.12 3.40
N LYS A 22 0.59 1.43 3.19
CA LYS A 22 -0.26 2.16 4.14
C LYS A 22 -1.47 1.38 4.60
N GLU A 23 -1.92 1.74 5.80
CA GLU A 23 -3.14 1.21 6.38
C GLU A 23 -4.25 2.28 6.38
N LYS A 24 -5.24 2.11 5.51
CA LYS A 24 -6.41 2.97 5.33
C LYS A 24 -7.67 2.14 5.20
N THR A 25 -8.83 2.79 5.21
CA THR A 25 -10.13 2.12 5.04
C THR A 25 -10.93 2.66 3.88
N ASP A 26 -11.92 1.85 3.52
CA ASP A 26 -12.95 2.12 2.55
C ASP A 26 -14.11 2.77 3.35
N GLN A 27 -15.20 3.06 2.66
CA GLN A 27 -16.38 3.76 3.20
C GLN A 27 -17.16 2.96 4.26
N TYR A 28 -16.71 1.73 4.52
CA TYR A 28 -17.28 0.71 5.37
C TYR A 28 -16.65 0.68 6.78
N GLY A 29 -15.44 1.26 6.92
CA GLY A 29 -14.64 1.22 8.16
C GLY A 29 -13.71 0.02 8.30
N LEU A 30 -13.52 -0.74 7.22
CA LEU A 30 -12.57 -1.85 7.11
C LEU A 30 -11.22 -1.26 6.78
N THR A 31 -10.33 -1.34 7.73
CA THR A 31 -8.97 -0.92 7.53
C THR A 31 -8.23 -2.10 6.89
N TYR A 32 -7.48 -1.80 5.83
CA TYR A 32 -6.70 -2.75 5.06
C TYR A 32 -5.34 -2.15 4.67
N ARG A 33 -4.36 -3.00 4.33
CA ARG A 33 -3.03 -2.61 3.88
C ARG A 33 -2.95 -2.51 2.36
N THR A 34 -2.77 -1.29 1.88
CA THR A 34 -2.75 -0.94 0.46
C THR A 34 -1.52 -0.09 0.14
N CYS A 35 -0.88 -0.42 -0.98
CA CYS A 35 0.38 0.24 -1.33
C CYS A 35 0.15 1.62 -1.97
N ASN A 36 0.11 2.63 -1.11
CA ASN A 36 -0.08 4.03 -1.51
C ASN A 36 1.22 4.58 -2.14
N LEU A 37 1.09 5.53 -3.08
CA LEU A 37 2.23 6.17 -3.72
C LEU A 37 3.08 7.02 -2.76
N LEU A 38 2.51 7.57 -1.67
CA LEU A 38 3.13 8.49 -0.69
C LEU A 38 2.83 8.09 0.78
N PRO A 39 3.61 8.57 1.75
CA PRO A 39 3.37 8.38 3.18
C PRO A 39 2.33 9.39 3.73
N LEU A 1 2.31 -2.91 -9.61
CA LEU A 1 1.66 -1.57 -9.58
C LEU A 1 1.22 -1.19 -8.16
N CYS A 2 0.82 0.07 -7.96
CA CYS A 2 0.33 0.64 -6.69
C CYS A 2 -1.05 0.09 -6.26
N ASN A 3 -1.19 -1.23 -6.08
CA ASN A 3 -2.41 -1.91 -5.64
C ASN A 3 -2.02 -3.21 -4.87
N GLU A 4 -3.01 -4.04 -4.53
CA GLU A 4 -2.89 -5.27 -3.73
C GLU A 4 -2.38 -5.05 -2.28
N PRO A 5 -2.56 -6.04 -1.38
CA PRO A 5 -2.15 -5.90 0.02
C PRO A 5 -0.64 -6.00 0.20
N CYS A 6 -0.11 -5.36 1.24
CA CYS A 6 1.31 -5.36 1.58
C CYS A 6 1.64 -5.67 3.04
N SER A 7 2.81 -6.28 3.24
CA SER A 7 3.42 -6.61 4.53
C SER A 7 4.12 -5.39 5.15
N SER A 8 5.00 -4.73 4.39
CA SER A 8 5.72 -3.50 4.74
C SER A 8 6.25 -2.79 3.49
N ASN A 9 7.03 -1.71 3.62
CA ASN A 9 7.64 -0.96 2.52
C ASN A 9 8.35 -1.85 1.49
N SER A 10 9.15 -2.78 2.00
CA SER A 10 10.00 -3.68 1.23
C SER A 10 9.27 -4.68 0.33
N ASP A 11 7.95 -4.81 0.50
CA ASP A 11 7.05 -5.67 -0.28
C ASP A 11 6.67 -5.12 -1.67
N CYS A 12 7.08 -3.88 -2.04
CA CYS A 12 6.65 -3.22 -3.29
C CYS A 12 7.74 -2.35 -3.94
N ILE A 13 8.97 -2.47 -3.46
CA ILE A 13 10.12 -1.71 -3.88
C ILE A 13 10.45 -2.03 -5.33
N GLY A 14 10.89 -1.00 -6.05
CA GLY A 14 11.38 -1.05 -7.43
C GLY A 14 10.35 -1.41 -8.53
N ILE A 15 9.40 -2.30 -8.23
CA ILE A 15 8.35 -2.79 -9.15
C ILE A 15 7.40 -1.69 -9.61
N THR A 16 7.29 -0.64 -8.81
CA THR A 16 6.57 0.60 -9.01
C THR A 16 7.13 1.65 -8.03
N LEU A 17 6.86 2.93 -8.25
CA LEU A 17 7.16 4.09 -7.40
C LEU A 17 6.37 4.11 -6.06
N CYS A 18 5.92 2.96 -5.56
CA CYS A 18 5.05 2.80 -4.39
C CYS A 18 5.74 2.01 -3.26
N GLN A 19 6.82 2.58 -2.74
CA GLN A 19 7.62 2.07 -1.61
C GLN A 19 6.94 2.20 -0.23
N PHE A 20 5.79 2.88 -0.09
CA PHE A 20 5.17 3.13 1.22
C PHE A 20 3.89 2.33 1.49
N CYS A 21 4.04 1.16 2.11
CA CYS A 21 2.94 0.32 2.58
C CYS A 21 2.20 1.05 3.72
N LYS A 22 1.01 1.60 3.46
CA LYS A 22 0.26 2.44 4.42
C LYS A 22 -1.16 1.92 4.69
N GLU A 23 -1.66 2.18 5.90
CA GLU A 23 -3.02 1.85 6.35
C GLU A 23 -4.03 2.90 5.87
N LYS A 24 -4.89 2.50 4.95
CA LYS A 24 -6.02 3.26 4.42
C LYS A 24 -7.24 2.35 4.44
N THR A 25 -8.40 2.94 4.22
CA THR A 25 -9.66 2.21 4.33
C THR A 25 -10.56 2.60 3.19
N ASP A 26 -11.48 1.71 2.88
CA ASP A 26 -12.38 1.88 1.76
C ASP A 26 -13.53 2.81 2.16
N GLN A 27 -14.48 3.00 1.26
CA GLN A 27 -15.64 3.85 1.49
C GLN A 27 -16.68 3.28 2.47
N TYR A 28 -16.43 2.07 3.00
CA TYR A 28 -17.25 1.37 3.99
C TYR A 28 -16.61 1.47 5.38
N GLY A 29 -15.32 1.80 5.45
CA GLY A 29 -14.53 1.82 6.68
C GLY A 29 -13.78 0.51 6.95
N LEU A 30 -13.58 -0.33 5.92
CA LEU A 30 -12.79 -1.56 6.02
C LEU A 30 -11.35 -1.18 5.78
N THR A 31 -10.53 -1.25 6.79
CA THR A 31 -9.14 -0.83 6.79
C THR A 31 -8.21 -1.95 6.33
N TYR A 32 -7.25 -1.58 5.48
CA TYR A 32 -6.25 -2.45 4.87
C TYR A 32 -4.90 -1.73 4.69
N ARG A 33 -3.84 -2.50 4.44
CA ARG A 33 -2.48 -2.00 4.18
C ARG A 33 -2.13 -2.22 2.71
N THR A 34 -1.89 -1.13 2.00
CA THR A 34 -1.64 -1.10 0.54
C THR A 34 -0.44 -0.22 0.19
N CYS A 35 0.20 -0.53 -0.93
CA CYS A 35 1.42 0.16 -1.38
C CYS A 35 1.10 1.53 -2.01
N ASN A 36 1.20 2.57 -1.19
CA ASN A 36 1.03 3.97 -1.56
C ASN A 36 2.35 4.59 -2.07
N LEU A 37 2.24 5.72 -2.78
CA LEU A 37 3.34 6.52 -3.26
C LEU A 37 4.21 7.08 -2.12
N LEU A 38 3.57 7.58 -1.05
CA LEU A 38 4.13 8.23 0.16
C LEU A 38 3.56 7.60 1.46
N PRO A 39 4.20 7.80 2.63
CA PRO A 39 3.77 7.28 3.94
C PRO A 39 2.52 7.99 4.48
N LEU A 1 -0.96 -2.85 -11.03
CA LEU A 1 0.04 -1.85 -10.57
C LEU A 1 -0.49 -1.11 -9.33
N CYS A 2 0.37 -0.61 -8.43
CA CYS A 2 0.07 0.14 -7.19
C CYS A 2 -1.32 -0.11 -6.57
N ASN A 3 -1.53 -1.38 -6.21
CA ASN A 3 -2.68 -2.00 -5.56
C ASN A 3 -2.12 -3.19 -4.75
N GLU A 4 -2.98 -4.12 -4.33
CA GLU A 4 -2.66 -5.38 -3.63
C GLU A 4 -2.10 -5.20 -2.19
N PRO A 5 -2.26 -6.20 -1.31
CA PRO A 5 -1.85 -6.10 0.09
C PRO A 5 -0.35 -6.23 0.30
N CYS A 6 0.15 -5.68 1.42
CA CYS A 6 1.57 -5.71 1.79
C CYS A 6 1.82 -5.92 3.30
N SER A 7 3.01 -6.42 3.67
CA SER A 7 3.46 -6.58 5.08
C SER A 7 4.18 -5.34 5.60
N SER A 8 5.05 -4.74 4.78
CA SER A 8 5.93 -3.61 5.08
C SER A 8 6.24 -2.80 3.82
N ASN A 9 6.97 -1.68 3.94
CA ASN A 9 7.44 -0.89 2.80
C ASN A 9 8.12 -1.72 1.71
N SER A 10 8.98 -2.63 2.14
CA SER A 10 9.84 -3.42 1.28
C SER A 10 9.11 -4.46 0.43
N ASP A 11 7.84 -4.70 0.74
CA ASP A 11 6.93 -5.54 -0.03
C ASP A 11 6.44 -4.79 -1.29
N CYS A 12 6.69 -3.47 -1.39
CA CYS A 12 6.19 -2.56 -2.43
C CYS A 12 7.30 -1.75 -3.10
N ILE A 13 8.50 -1.77 -2.53
CA ILE A 13 9.71 -1.18 -3.05
C ILE A 13 10.04 -1.84 -4.39
N GLY A 14 10.56 -1.07 -5.35
CA GLY A 14 11.06 -1.55 -6.64
C GLY A 14 10.00 -1.95 -7.67
N ILE A 15 8.99 -2.73 -7.27
CA ILE A 15 7.93 -3.27 -8.14
C ILE A 15 7.15 -2.20 -8.88
N THR A 16 7.13 -1.01 -8.30
CA THR A 16 6.63 0.28 -8.74
C THR A 16 7.13 1.36 -7.76
N LEU A 17 7.02 2.64 -8.12
CA LEU A 17 7.33 3.84 -7.32
C LEU A 17 6.30 4.08 -6.17
N CYS A 18 5.88 3.02 -5.49
CA CYS A 18 4.84 3.01 -4.46
C CYS A 18 5.33 2.28 -3.19
N GLN A 19 6.57 2.59 -2.74
CA GLN A 19 7.27 1.96 -1.59
C GLN A 19 6.58 2.10 -0.21
N PHE A 20 5.44 2.77 -0.14
CA PHE A 20 4.77 3.09 1.10
C PHE A 20 3.56 2.19 1.41
N CYS A 21 3.81 1.08 2.08
CA CYS A 21 2.81 0.13 2.58
C CYS A 21 1.96 0.76 3.70
N LYS A 22 0.91 1.48 3.32
CA LYS A 22 0.02 2.27 4.19
C LYS A 22 -1.31 1.64 4.53
N GLU A 23 -1.56 1.43 5.83
CA GLU A 23 -2.86 0.98 6.30
C GLU A 23 -3.81 2.21 6.27
N LYS A 24 -4.62 2.27 5.22
CA LYS A 24 -5.70 3.22 4.95
C LYS A 24 -7.00 2.44 5.00
N THR A 25 -8.10 3.07 4.68
CA THR A 25 -9.39 2.40 4.73
C THR A 25 -10.27 2.85 3.59
N ASP A 26 -11.20 1.98 3.25
CA ASP A 26 -12.07 2.21 2.12
C ASP A 26 -13.14 3.24 2.47
N GLN A 27 -13.92 3.62 1.47
CA GLN A 27 -15.07 4.52 1.66
C GLN A 27 -16.21 3.90 2.50
N TYR A 28 -15.99 2.67 2.95
CA TYR A 28 -16.84 1.80 3.75
C TYR A 28 -16.34 1.72 5.22
N GLY A 29 -15.08 2.11 5.46
CA GLY A 29 -14.38 2.01 6.75
C GLY A 29 -13.66 0.68 6.98
N LEU A 30 -13.40 -0.07 5.90
CA LEU A 30 -12.61 -1.31 5.91
C LEU A 30 -11.16 -0.91 5.80
N THR A 31 -10.41 -1.14 6.85
CA THR A 31 -9.00 -0.81 6.93
C THR A 31 -8.14 -1.92 6.31
N TYR A 32 -7.11 -1.53 5.55
CA TYR A 32 -6.16 -2.41 4.89
C TYR A 32 -4.88 -1.66 4.50
N ARG A 33 -3.75 -2.37 4.49
CA ARG A 33 -2.43 -1.89 4.05
C ARG A 33 -2.07 -2.47 2.70
N THR A 34 -1.81 -1.53 1.82
CA THR A 34 -1.53 -1.65 0.39
C THR A 34 -0.41 -0.69 -0.04
N CYS A 35 0.12 -0.89 -1.23
CA CYS A 35 1.20 -0.07 -1.79
C CYS A 35 0.71 1.35 -2.20
N ASN A 36 0.61 2.28 -1.23
CA ASN A 36 0.21 3.66 -1.47
C ASN A 36 1.32 4.46 -2.17
N LEU A 37 0.92 5.58 -2.80
CA LEU A 37 1.82 6.53 -3.42
C LEU A 37 2.79 7.18 -2.42
N LEU A 38 2.36 7.38 -1.15
CA LEU A 38 3.06 8.08 -0.06
C LEU A 38 2.98 7.44 1.34
N PRO A 39 3.86 7.87 2.28
CA PRO A 39 4.02 7.36 3.65
C PRO A 39 3.08 7.97 4.72
#